data_6WXZ
#
_entry.id   6WXZ
#
_cell.length_a   107.416
_cell.length_b   107.416
_cell.length_c   239.631
_cell.angle_alpha   90.000
_cell.angle_beta   90.000
_cell.angle_gamma   90.000
#
_symmetry.space_group_name_H-M   'P 43 21 2'
#
loop_
_entity.id
_entity.type
_entity.pdbx_description
1 polymer 'Myeloperoxidase light chain'
2 polymer 'Myeloperoxidase heavy chain'
3 branched alpha-L-fucopyranose-(1-6)-2-acetamido-2-deoxy-beta-D-glucopyranose
4 branched alpha-D-mannopyranose-(1-6)-beta-D-mannopyranose
5 non-polymer 'CHLORIDE ION'
6 non-polymer 'CALCIUM ION'
7 non-polymer 2-acetamido-2-deoxy-beta-D-glucopyranose
8 non-polymer 'HEME C'
9 non-polymer 7-[(1R)-1,2-diphenylethyl]-3H-[1,2,3]triazolo[4,5-b]pyridin-5-amine
10 non-polymer alpha-D-mannopyranose
11 water water
#
loop_
_entity_poly.entity_id
_entity_poly.type
_entity_poly.pdbx_seq_one_letter_code
_entity_poly.pdbx_strand_id
1 'polypeptide(L)'
;CPEQDKYRTITGMCNNRRSPTLGASNRAFVRWLPAEYEDGFSLPYGWTPGVKRNGFPVALARAVSNEIVRFPTDQLTPDQ
ERSLMFMQWGQLLDHDLDFTPEPAA
;
A,D
2 'polypeptide(L)'
;VNCETSCVQQPPCFPLKIPPNDPRIKNQADCIPFFRS(CSO)PACPGSNITIRNQINALTSFVDASMVYGSEEPLARNLR
NMSNQLGLLAVNQRFQDNGRALLPFDNLHDDPCLLTNRSARIPCFLAGDTRSSEMPELTSMHTLLLREHNRLATELKSLN
PRWDGERLYQEARKIVGAMVQIITYRDYLPLVLGPTAMRKYLPTYRSYNDSVDPRIANVFTNAFRYGHTLIQPFMFRLDN
RYQPMEPNPRVPLSRVFFASWRVVLEGGIDPILRGLMATPAKLNRQNQIAVDEIRERLFEQVMRIGLDLPALNMQRSRDH
GLPGYNAWRRFCGLPQPETVGQLGTVLRNLKLARKLMEQYGTPNNIDIWMGGVSEPLKRKGRVGPLLACIIGTQFRKLRD
GDRFWWENEGVFSMQQRQALAQISLPRIICDNTGITTVSKNNIFMSNSYPRDFVNCSTLPALNLASWREAS
;
B,E
#
# COMPACT_ATOMS: atom_id res chain seq x y z
N CYS A 1 -5.55 22.45 -0.99
CA CYS A 1 -4.33 23.02 -0.41
C CYS A 1 -4.13 24.44 -0.87
N PRO A 2 -3.99 25.40 0.06
CA PRO A 2 -3.70 26.77 -0.37
C PRO A 2 -2.31 26.82 -1.01
N GLU A 3 -2.19 27.50 -2.16
CA GLU A 3 -0.96 27.64 -2.95
C GLU A 3 0.26 28.13 -2.16
N GLN A 4 0.04 28.88 -1.07
CA GLN A 4 1.14 29.38 -0.26
C GLN A 4 0.77 29.29 1.21
N ASP A 5 1.65 28.69 2.03
CA ASP A 5 1.43 28.53 3.46
C ASP A 5 2.72 28.74 4.24
N LYS A 6 2.62 29.37 5.40
CA LYS A 6 3.79 29.62 6.25
C LYS A 6 3.97 28.57 7.34
N TYR A 7 2.86 28.03 7.84
CA TYR A 7 2.90 27.10 8.95
C TYR A 7 2.21 25.79 8.62
N ARG A 8 2.54 24.77 9.42
CA ARG A 8 1.90 23.47 9.35
C ARG A 8 0.45 23.60 9.74
N THR A 9 -0.39 22.72 9.22
CA THR A 9 -1.75 22.60 9.73
C THR A 9 -1.61 21.73 11.03
N ILE A 10 -2.66 21.72 11.85
CA ILE A 10 -2.68 20.92 13.06
C ILE A 10 -2.77 19.45 12.69
N THR A 11 -3.59 19.12 11.66
CA THR A 11 -3.77 17.71 11.28
C THR A 11 -2.68 17.12 10.40
N GLY A 12 -1.78 17.94 9.87
CA GLY A 12 -0.76 17.44 8.94
C GLY A 12 -1.22 17.43 7.49
N MET A 13 -2.48 17.76 7.24
CA MET A 13 -3.07 17.87 5.91
C MET A 13 -2.31 18.98 5.13
N CYS A 14 -2.13 18.79 3.82
CA CYS A 14 -1.49 19.77 2.92
C CYS A 14 0.04 19.83 3.01
N ASN A 15 0.66 18.99 3.84
CA ASN A 15 2.11 18.92 3.91
C ASN A 15 2.62 18.38 2.55
N ASN A 16 2.00 17.28 2.07
CA ASN A 16 2.35 16.75 0.76
C ASN A 16 1.28 17.26 -0.19
N ARG A 17 1.60 18.21 -1.08
CA ARG A 17 0.58 18.81 -1.97
C ARG A 17 -0.02 17.84 -2.97
N ARG A 18 0.74 16.86 -3.47
CA ARG A 18 0.25 15.88 -4.45
C ARG A 18 -0.64 14.82 -3.79
N SER A 19 -0.34 14.41 -2.56
CA SER A 19 -1.19 13.46 -1.83
C SER A 19 -1.42 14.07 -0.44
N PRO A 20 -2.40 15.00 -0.31
CA PRO A 20 -2.50 15.81 0.91
C PRO A 20 -2.85 15.15 2.23
N THR A 21 -3.24 13.88 2.29
CA THR A 21 -3.48 13.22 3.60
C THR A 21 -2.21 12.51 4.09
N LEU A 22 -1.13 12.44 3.28
CA LEU A 22 0.07 11.71 3.72
C LEU A 22 0.69 12.34 4.95
N GLY A 23 0.74 11.58 6.02
CA GLY A 23 1.27 12.10 7.28
C GLY A 23 0.22 12.77 8.16
N ALA A 24 -0.97 12.99 7.64
CA ALA A 24 -2.07 13.59 8.36
C ALA A 24 -2.68 12.59 9.34
N SER A 25 -3.32 13.10 10.38
CA SER A 25 -3.93 12.30 11.45
C SER A 25 -5.24 11.62 11.03
N ASN A 26 -5.61 10.55 11.75
CA ASN A 26 -6.82 9.77 11.56
C ASN A 26 -6.89 9.10 10.17
N ARG A 27 -5.77 8.57 9.73
CA ARG A 27 -5.68 7.87 8.46
C ARG A 27 -5.06 6.49 8.73
N ALA A 28 -5.32 5.53 7.85
CA ALA A 28 -4.79 4.18 7.96
C ALA A 28 -3.27 4.19 7.80
N PHE A 29 -2.59 3.30 8.53
CA PHE A 29 -1.15 3.16 8.41
C PHE A 29 -0.79 2.68 7.01
N VAL A 30 0.45 2.98 6.57
CA VAL A 30 0.92 2.40 5.33
C VAL A 30 1.44 1.00 5.73
N ARG A 31 1.49 0.07 4.76
CA ARG A 31 2.03 -1.26 5.03
C ARG A 31 3.24 -1.47 4.16
N TRP A 32 4.31 -1.98 4.73
CA TRP A 32 5.52 -2.31 3.99
C TRP A 32 5.52 -3.77 3.50
N LEU A 33 4.69 -4.62 4.08
CA LEU A 33 4.48 -5.99 3.67
C LEU A 33 2.98 -6.29 3.73
N PRO A 34 2.44 -7.20 2.88
CA PRO A 34 1.02 -7.55 3.00
C PRO A 34 0.73 -8.19 4.35
N ALA A 35 -0.47 -7.97 4.88
CA ALA A 35 -0.86 -8.51 6.17
C ALA A 35 -1.02 -10.04 6.12
N GLU A 36 -0.83 -10.68 7.28
CA GLU A 36 -0.92 -12.10 7.47
C GLU A 36 -1.93 -12.39 8.53
N TYR A 37 -3.10 -12.79 8.09
CA TYR A 37 -4.23 -13.15 8.93
C TYR A 37 -4.61 -14.58 8.65
N GLU A 38 -5.23 -15.22 9.64
CA GLU A 38 -5.71 -16.60 9.63
C GLU A 38 -6.58 -16.87 8.41
N ASP A 39 -7.56 -16.00 8.16
CA ASP A 39 -8.47 -16.13 7.02
C ASP A 39 -8.02 -15.30 5.80
N GLY A 40 -6.83 -14.72 5.85
CA GLY A 40 -6.30 -13.89 4.78
C GLY A 40 -6.64 -12.41 4.85
N PHE A 41 -7.69 -12.03 5.55
CA PHE A 41 -8.12 -10.63 5.54
C PHE A 41 -8.50 -10.00 6.89
N SER A 42 -8.73 -10.82 7.95
CA SER A 42 -9.24 -10.24 9.19
C SER A 42 -8.83 -10.89 10.53
N LEU A 43 -8.92 -12.20 10.66
CA LEU A 43 -8.65 -12.90 11.89
C LEU A 43 -7.17 -13.00 12.22
N PRO A 44 -6.75 -12.58 13.42
CA PRO A 44 -5.34 -12.68 13.78
C PRO A 44 -4.90 -14.11 14.06
N TYR A 45 -3.59 -14.41 13.86
CA TYR A 45 -3.08 -15.71 14.25
C TYR A 45 -3.20 -15.86 15.78
N GLY A 46 -3.72 -17.01 16.20
CA GLY A 46 -4.02 -17.27 17.60
C GLY A 46 -5.53 -17.26 17.87
N TRP A 47 -6.34 -16.79 16.90
CA TRP A 47 -7.80 -16.69 17.07
C TRP A 47 -8.51 -18.04 17.17
N THR A 48 -8.30 -18.93 16.21
CA THR A 48 -8.99 -20.20 16.14
C THR A 48 -8.13 -21.31 16.70
N PRO A 49 -8.66 -22.07 17.66
CA PRO A 49 -7.89 -23.18 18.23
C PRO A 49 -7.58 -24.23 17.16
N GLY A 50 -6.33 -24.67 17.12
CA GLY A 50 -5.91 -25.69 16.15
C GLY A 50 -5.37 -25.17 14.83
N VAL A 51 -5.60 -23.88 14.51
CA VAL A 51 -5.11 -23.34 13.24
C VAL A 51 -3.63 -22.95 13.37
N LYS A 52 -2.76 -23.67 12.65
CA LYS A 52 -1.33 -23.43 12.71
C LYS A 52 -0.90 -22.24 11.84
N ARG A 53 0.22 -21.62 12.20
CA ARG A 53 0.79 -20.55 11.40
C ARG A 53 2.02 -21.12 10.69
N ASN A 54 1.99 -21.18 9.35
CA ASN A 54 3.10 -21.66 8.55
C ASN A 54 3.73 -22.97 9.07
N GLY A 55 2.88 -23.96 9.31
CA GLY A 55 3.30 -25.29 9.74
C GLY A 55 3.46 -25.51 11.23
N PHE A 56 3.31 -24.47 12.06
CA PHE A 56 3.54 -24.62 13.51
C PHE A 56 2.45 -24.03 14.39
N PRO A 57 2.20 -24.61 15.59
CA PRO A 57 1.19 -24.03 16.48
C PRO A 57 1.56 -22.61 16.87
N VAL A 58 0.53 -21.75 17.04
CA VAL A 58 0.74 -20.38 17.46
C VAL A 58 1.03 -20.36 18.96
N ALA A 59 2.10 -19.69 19.39
CA ALA A 59 2.45 -19.65 20.81
C ALA A 59 1.68 -18.52 21.49
N LEU A 60 1.21 -18.76 22.72
CA LEU A 60 0.51 -17.76 23.53
C LEU A 60 1.50 -16.62 23.84
N ALA A 61 1.12 -15.34 23.58
CA ALA A 61 2.00 -14.20 23.83
C ALA A 61 2.50 -14.16 25.28
N ARG A 62 1.63 -14.54 26.24
CA ARG A 62 1.99 -14.59 27.65
C ARG A 62 3.08 -15.67 27.90
N ALA A 63 2.99 -16.83 27.23
CA ALA A 63 4.02 -17.88 27.36
C ALA A 63 5.35 -17.44 26.78
N VAL A 64 5.33 -16.66 25.66
CA VAL A 64 6.61 -16.16 25.11
C VAL A 64 7.25 -15.22 26.15
N SER A 65 6.44 -14.32 26.71
CA SER A 65 6.87 -13.36 27.71
C SER A 65 7.46 -14.03 28.94
N ASN A 66 6.80 -15.10 29.45
CA ASN A 66 7.27 -15.85 30.62
C ASN A 66 8.59 -16.54 30.37
N GLU A 67 8.76 -17.13 29.19
CA GLU A 67 9.97 -17.92 28.92
C GLU A 67 11.16 -17.14 28.36
N ILE A 68 10.95 -15.96 27.79
CA ILE A 68 12.05 -15.19 27.18
C ILE A 68 12.24 -13.82 27.82
N VAL A 69 11.15 -13.10 28.07
CA VAL A 69 11.24 -11.74 28.58
C VAL A 69 11.54 -11.66 30.07
N ARG A 70 10.91 -12.56 30.84
CA ARG A 70 11.03 -12.59 32.29
C ARG A 70 12.48 -12.72 32.82
N PHE A 71 12.84 -11.88 33.79
CA PHE A 71 14.13 -11.92 34.46
C PHE A 71 14.03 -11.36 35.89
N PRO A 72 14.92 -11.77 36.82
CA PRO A 72 14.83 -11.25 38.20
C PRO A 72 15.24 -9.78 38.27
N THR A 73 14.34 -8.91 38.76
CA THR A 73 14.48 -7.46 38.87
C THR A 73 15.81 -6.97 39.49
N ASP A 74 16.31 -7.66 40.53
CA ASP A 74 17.57 -7.31 41.18
C ASP A 74 18.80 -7.51 40.27
N GLN A 75 18.67 -8.29 39.20
CA GLN A 75 19.78 -8.56 38.28
C GLN A 75 19.86 -7.56 37.11
N LEU A 76 19.06 -6.47 37.16
CA LEU A 76 19.03 -5.39 36.16
C LEU A 76 20.44 -4.82 35.92
N THR A 77 20.79 -4.62 34.65
CA THR A 77 22.09 -4.06 34.32
C THR A 77 21.93 -2.61 33.90
N PRO A 78 22.48 -1.67 34.68
CA PRO A 78 22.36 -0.25 34.29
C PRO A 78 23.21 0.03 33.04
N ASP A 79 22.72 0.92 32.17
CA ASP A 79 23.43 1.29 30.96
C ASP A 79 24.48 2.32 31.36
N GLN A 80 25.76 1.97 31.20
CA GLN A 80 26.84 2.89 31.54
C GLN A 80 26.94 4.09 30.59
N GLU A 81 26.35 4.00 29.39
CA GLU A 81 26.44 5.07 28.40
C GLU A 81 25.12 5.69 28.01
N ARG A 82 24.05 5.47 28.78
CA ARG A 82 22.74 6.08 28.48
C ARG A 82 22.02 6.52 29.75
N SER A 83 21.40 7.70 29.71
CA SER A 83 20.62 8.21 30.84
C SER A 83 19.15 7.73 30.72
N LEU A 84 18.37 7.81 31.81
CA LEU A 84 16.94 7.47 31.78
C LEU A 84 16.16 8.45 30.87
N MET A 85 16.72 9.63 30.59
CA MET A 85 16.20 10.62 29.65
C MET A 85 16.19 10.02 28.23
N PHE A 86 17.12 9.08 27.91
CA PHE A 86 17.18 8.39 26.62
C PHE A 86 15.88 7.56 26.43
N MET A 87 15.45 6.87 27.50
CA MET A 87 14.20 6.12 27.45
C MET A 87 13.02 7.10 27.30
N GLN A 88 12.97 8.13 28.15
CA GLN A 88 11.86 9.07 28.23
C GLN A 88 11.65 9.89 26.98
N TRP A 89 12.73 10.33 26.32
CA TRP A 89 12.60 11.04 25.06
C TRP A 89 11.97 10.13 23.98
N GLY A 90 12.30 8.84 24.03
CA GLY A 90 11.76 7.86 23.10
C GLY A 90 10.25 7.75 23.19
N GLN A 91 9.70 7.70 24.42
CA GLN A 91 8.25 7.61 24.61
C GLN A 91 7.58 8.92 24.19
N LEU A 92 8.15 10.06 24.57
CA LEU A 92 7.62 11.37 24.22
C LEU A 92 7.58 11.53 22.69
N LEU A 93 8.65 11.08 21.99
CA LEU A 93 8.81 11.11 20.54
C LEU A 93 7.80 10.17 19.89
N ASP A 94 7.64 8.97 20.43
CA ASP A 94 6.66 8.00 19.95
C ASP A 94 5.24 8.63 19.92
N HIS A 95 4.93 9.43 20.94
CA HIS A 95 3.64 10.11 21.12
C HIS A 95 3.46 11.32 20.17
N ASP A 96 4.51 11.72 19.44
CA ASP A 96 4.47 12.70 18.35
C ASP A 96 4.16 11.95 17.03
N LEU A 97 4.45 10.62 16.95
CA LEU A 97 4.38 9.82 15.73
C LEU A 97 3.12 8.99 15.53
N ASP A 98 2.76 8.15 16.51
CA ASP A 98 1.62 7.25 16.34
C ASP A 98 0.82 6.97 17.59
N PHE A 99 -0.51 6.82 17.42
CA PHE A 99 -1.46 6.40 18.43
C PHE A 99 -2.50 5.59 17.68
N THR A 100 -2.61 4.29 17.98
CA THR A 100 -3.52 3.38 17.32
C THR A 100 -4.74 3.22 18.18
N PRO A 101 -5.87 3.83 17.78
CA PRO A 101 -7.06 3.72 18.62
C PRO A 101 -7.69 2.32 18.66
N GLU A 102 -8.39 2.04 19.75
CA GLU A 102 -9.14 0.82 19.95
C GLU A 102 -10.62 1.20 20.27
N PRO A 103 -11.59 0.27 20.12
CA PRO A 103 -12.99 0.64 20.38
C PRO A 103 -13.30 1.01 21.83
N ASN B 2 -17.47 -6.68 26.04
CA ASN B 2 -16.87 -6.08 27.23
C ASN B 2 -15.48 -6.67 27.53
N CYS B 3 -14.45 -6.18 26.83
CA CYS B 3 -13.05 -6.65 26.91
C CYS B 3 -12.44 -6.53 28.26
N GLU B 4 -12.74 -5.43 28.95
CA GLU B 4 -12.22 -5.08 30.26
C GLU B 4 -12.44 -6.17 31.29
N THR B 5 -13.55 -6.93 31.19
CA THR B 5 -13.91 -7.93 32.20
C THR B 5 -14.21 -9.31 31.68
N SER B 6 -14.51 -9.44 30.39
CA SER B 6 -14.83 -10.76 29.85
C SER B 6 -13.60 -11.50 29.32
N CYS B 7 -13.62 -12.84 29.36
CA CYS B 7 -12.59 -13.71 28.78
C CYS B 7 -13.05 -14.38 27.49
N VAL B 8 -14.31 -14.16 27.07
CA VAL B 8 -14.88 -14.74 25.88
C VAL B 8 -14.27 -14.08 24.66
N GLN B 9 -13.87 -14.89 23.69
CA GLN B 9 -13.31 -14.35 22.47
C GLN B 9 -14.43 -14.04 21.50
N GLN B 10 -14.89 -12.79 21.51
CA GLN B 10 -15.93 -12.29 20.63
C GLN B 10 -15.48 -10.91 20.20
N PRO B 11 -15.61 -10.52 18.92
CA PRO B 11 -15.21 -9.14 18.52
C PRO B 11 -15.86 -8.05 19.38
N PRO B 12 -15.13 -7.00 19.77
CA PRO B 12 -13.75 -6.69 19.38
C PRO B 12 -12.68 -7.15 20.35
N CYS B 13 -12.96 -8.17 21.16
CA CYS B 13 -12.00 -8.66 22.14
C CYS B 13 -11.09 -9.71 21.56
N PHE B 14 -9.81 -9.64 21.94
CA PHE B 14 -8.84 -10.69 21.59
C PHE B 14 -8.02 -10.96 22.87
N PRO B 15 -8.68 -11.47 23.94
CA PRO B 15 -7.96 -11.66 25.22
C PRO B 15 -6.78 -12.62 25.15
N LEU B 16 -5.73 -12.32 25.94
CA LEU B 16 -4.54 -13.16 25.99
C LEU B 16 -4.83 -14.30 26.96
N LYS B 17 -4.75 -15.54 26.48
CA LYS B 17 -5.01 -16.71 27.34
C LYS B 17 -3.82 -16.98 28.30
N ILE B 18 -4.10 -17.70 29.39
CA ILE B 18 -3.15 -17.99 30.44
C ILE B 18 -2.53 -19.40 30.32
N PRO B 19 -1.19 -19.47 30.19
CA PRO B 19 -0.54 -20.78 30.09
C PRO B 19 -0.48 -21.48 31.44
N PRO B 20 -0.32 -22.82 31.42
CA PRO B 20 -0.21 -23.55 32.69
C PRO B 20 1.06 -23.13 33.45
N ASN B 21 1.00 -23.19 34.78
CA ASN B 21 2.13 -22.84 35.64
C ASN B 21 2.65 -21.40 35.42
N ASP B 22 1.74 -20.46 35.23
CA ASP B 22 2.10 -19.07 35.06
C ASP B 22 2.65 -18.55 36.40
N PRO B 23 3.72 -17.74 36.40
CA PRO B 23 4.29 -17.26 37.67
C PRO B 23 3.40 -16.32 38.49
N ARG B 24 2.35 -15.74 37.88
CA ARG B 24 1.48 -14.80 38.61
C ARG B 24 0.02 -15.20 38.57
N ILE B 25 -0.48 -15.50 37.39
CA ILE B 25 -1.88 -15.81 37.18
C ILE B 25 -2.12 -17.32 37.27
N LYS B 26 -2.52 -17.78 38.44
CA LYS B 26 -2.77 -19.21 38.67
C LYS B 26 -4.13 -19.66 38.14
N ASN B 27 -5.08 -18.72 37.96
CA ASN B 27 -6.40 -19.07 37.45
C ASN B 27 -6.35 -19.07 35.94
N GLN B 28 -6.45 -20.26 35.33
CA GLN B 28 -6.38 -20.38 33.88
C GLN B 28 -7.67 -19.99 33.18
N ALA B 29 -8.80 -19.86 33.91
CA ALA B 29 -10.04 -19.38 33.31
C ALA B 29 -10.03 -17.83 33.18
N ASP B 30 -9.05 -17.15 33.84
CA ASP B 30 -8.84 -15.70 33.74
C ASP B 30 -8.08 -15.42 32.40
N CYS B 31 -7.68 -14.17 32.17
CA CYS B 31 -7.01 -13.75 30.94
C CYS B 31 -6.44 -12.34 31.12
N ILE B 32 -5.61 -11.91 30.15
CA ILE B 32 -5.13 -10.54 30.14
C ILE B 32 -6.03 -9.81 29.12
N PRO B 33 -6.78 -8.78 29.56
CA PRO B 33 -7.67 -8.08 28.62
C PRO B 33 -6.98 -7.49 27.41
N PHE B 34 -7.69 -7.48 26.27
CA PHE B 34 -7.18 -6.92 25.04
C PHE B 34 -8.31 -6.56 24.07
N PHE B 35 -8.29 -5.33 23.57
CA PHE B 35 -9.21 -4.83 22.55
C PHE B 35 -8.45 -4.83 21.24
N ARG B 36 -9.04 -5.34 20.18
CA ARG B 36 -8.44 -5.27 18.85
C ARG B 36 -8.45 -3.80 18.41
N SER B 37 -7.38 -3.33 17.74
CA SER B 37 -7.34 -1.97 17.23
C SER B 37 -8.48 -1.78 16.20
N PRO B 39 -10.51 -1.10 13.02
CA PRO B 39 -10.15 -1.30 11.62
C PRO B 39 -10.35 0.00 10.83
N ALA B 40 -9.51 0.22 9.81
CA ALA B 40 -9.65 1.39 8.94
C ALA B 40 -10.97 1.27 8.14
N CYS B 41 -11.38 0.04 7.77
CA CYS B 41 -12.62 -0.19 7.04
C CYS B 41 -13.46 -1.19 7.81
N PRO B 42 -14.25 -0.73 8.79
CA PRO B 42 -15.00 -1.67 9.63
C PRO B 42 -16.10 -2.46 8.90
N GLY B 43 -16.21 -3.73 9.27
CA GLY B 43 -17.17 -4.68 8.70
C GLY B 43 -16.86 -5.19 7.30
N SER B 44 -15.68 -4.87 6.74
CA SER B 44 -15.38 -5.25 5.37
C SER B 44 -14.97 -6.69 5.11
N ASN B 45 -15.38 -7.17 3.94
CA ASN B 45 -15.07 -8.49 3.38
C ASN B 45 -14.44 -8.33 1.97
N ILE B 46 -13.74 -7.19 1.71
CA ILE B 46 -13.09 -6.84 0.44
C ILE B 46 -11.66 -6.37 0.75
N THR B 47 -11.54 -5.48 1.75
CA THR B 47 -10.24 -4.92 2.08
C THR B 47 -9.52 -5.83 3.10
N ILE B 48 -8.20 -5.89 3.01
CA ILE B 48 -7.40 -6.63 4.00
C ILE B 48 -7.31 -5.68 5.20
N ARG B 49 -7.70 -6.16 6.38
CA ARG B 49 -7.77 -5.35 7.58
C ARG B 49 -6.48 -4.62 7.90
N ASN B 50 -6.61 -3.31 8.16
CA ASN B 50 -5.52 -2.41 8.51
C ASN B 50 -5.99 -1.53 9.67
N GLN B 51 -5.05 -0.85 10.33
CA GLN B 51 -5.31 -0.05 11.51
C GLN B 51 -5.06 1.44 11.25
N ILE B 52 -5.43 2.28 12.23
CA ILE B 52 -5.41 3.75 12.08
C ILE B 52 -4.35 4.47 12.89
N ASN B 53 -3.78 5.55 12.37
CA ASN B 53 -2.91 6.43 13.14
C ASN B 53 -3.73 7.66 13.50
N ALA B 54 -4.01 7.88 14.78
CA ALA B 54 -4.77 9.06 15.21
C ALA B 54 -3.93 10.37 15.22
N LEU B 55 -2.59 10.27 15.07
CA LEU B 55 -1.68 11.41 15.13
C LEU B 55 -1.04 11.77 13.80
N THR B 56 -0.45 12.99 13.72
CA THR B 56 0.30 13.37 12.53
C THR B 56 1.63 12.60 12.63
N SER B 57 2.08 12.02 11.51
CA SER B 57 3.31 11.26 11.53
C SER B 57 4.55 12.14 11.69
N PHE B 58 4.46 13.42 11.24
CA PHE B 58 5.56 14.37 11.28
C PHE B 58 6.04 14.63 12.69
N VAL B 59 7.34 14.98 12.80
CA VAL B 59 7.91 15.35 14.08
C VAL B 59 7.63 16.87 14.15
N ASP B 60 6.40 17.19 14.56
CA ASP B 60 5.89 18.58 14.60
C ASP B 60 5.40 19.02 15.97
N ALA B 61 5.83 18.30 17.03
CA ALA B 61 5.40 18.51 18.41
C ALA B 61 3.88 18.39 18.51
N SER B 62 3.27 17.45 17.77
CA SER B 62 1.83 17.23 17.87
C SER B 62 1.46 16.70 19.26
N MET B 63 2.39 16.04 19.99
CA MET B 63 2.10 15.64 21.39
C MET B 63 1.97 16.89 22.34
N VAL B 64 2.34 18.09 21.86
CA VAL B 64 2.21 19.34 22.58
C VAL B 64 0.98 20.11 22.04
N TYR B 65 0.89 20.28 20.70
CA TYR B 65 -0.12 21.11 20.06
C TYR B 65 -1.45 20.45 19.68
N GLY B 66 -1.47 19.14 19.64
CA GLY B 66 -2.66 18.40 19.21
C GLY B 66 -2.58 18.05 17.73
N SER B 67 -3.35 17.01 17.31
CA SER B 67 -3.43 16.52 15.94
C SER B 67 -4.82 16.75 15.31
N GLU B 68 -5.78 17.33 16.08
CA GLU B 68 -7.13 17.67 15.62
C GLU B 68 -7.44 19.12 16.03
N GLU B 69 -8.01 19.92 15.13
CA GLU B 69 -8.29 21.35 15.35
C GLU B 69 -9.12 21.70 16.59
N PRO B 70 -10.24 21.01 16.93
CA PRO B 70 -10.97 21.38 18.15
C PRO B 70 -10.11 21.27 19.41
N LEU B 71 -9.34 20.16 19.55
CA LEU B 71 -8.45 19.98 20.70
C LEU B 71 -7.38 21.06 20.72
N ALA B 72 -6.78 21.35 19.57
CA ALA B 72 -5.73 22.35 19.47
C ALA B 72 -6.21 23.75 19.90
N ARG B 73 -7.50 24.08 19.68
CA ARG B 73 -8.06 25.36 20.11
C ARG B 73 -8.25 25.34 21.62
N ASN B 74 -8.78 24.23 22.15
CA ASN B 74 -8.98 24.08 23.59
C ASN B 74 -7.66 24.08 24.37
N LEU B 75 -6.54 23.76 23.71
CA LEU B 75 -5.22 23.76 24.36
C LEU B 75 -4.61 25.17 24.48
N ARG B 76 -5.07 26.13 23.66
CA ARG B 76 -4.53 27.47 23.69
C ARG B 76 -5.25 28.39 24.69
N ASN B 77 -4.53 29.40 25.20
CA ASN B 77 -5.14 30.42 26.05
C ASN B 77 -5.67 31.44 25.03
N MET B 78 -7.00 31.54 24.90
CA MET B 78 -7.60 32.48 23.94
C MET B 78 -8.29 33.67 24.61
N SER B 79 -7.92 33.98 25.86
CA SER B 79 -8.49 35.13 26.57
C SER B 79 -7.73 36.44 26.31
N ASN B 80 -6.66 36.40 25.50
CA ASN B 80 -5.80 37.54 25.18
C ASN B 80 -5.10 37.32 23.82
N GLN B 81 -4.18 38.22 23.44
CA GLN B 81 -3.43 38.09 22.19
C GLN B 81 -1.95 37.74 22.44
N LEU B 82 -1.66 36.90 23.46
CA LEU B 82 -0.26 36.56 23.76
C LEU B 82 0.24 35.24 23.13
N GLY B 83 -0.62 34.53 22.40
CA GLY B 83 -0.23 33.29 21.74
C GLY B 83 0.20 32.18 22.68
N LEU B 84 -0.29 32.21 23.92
CA LEU B 84 0.07 31.22 24.92
C LEU B 84 -0.76 29.91 24.82
N LEU B 85 -0.22 28.86 25.42
CA LEU B 85 -0.88 27.60 25.62
C LEU B 85 -1.53 27.73 27.02
N ALA B 86 -2.76 27.22 27.18
CA ALA B 86 -3.46 27.30 28.46
C ALA B 86 -2.72 26.52 29.56
N VAL B 87 -2.74 27.05 30.78
CA VAL B 87 -2.08 26.41 31.91
C VAL B 87 -3.07 26.10 33.05
N ASN B 88 -2.68 25.19 33.96
CA ASN B 88 -3.51 24.80 35.09
C ASN B 88 -3.89 26.01 35.96
N GLN B 89 -5.19 26.23 36.19
CA GLN B 89 -5.65 27.34 37.03
C GLN B 89 -5.83 26.99 38.51
N ARG B 90 -5.61 25.72 38.90
CA ARG B 90 -5.75 25.30 40.28
C ARG B 90 -4.39 25.17 40.97
N PHE B 91 -3.36 24.67 40.24
CA PHE B 91 -2.05 24.45 40.84
C PHE B 91 -0.89 25.00 40.02
N GLN B 92 0.23 25.28 40.69
CA GLN B 92 1.49 25.75 40.12
C GLN B 92 2.64 24.94 40.74
N ASP B 93 3.72 24.77 39.98
CA ASP B 93 4.92 24.06 40.43
C ASP B 93 5.98 25.11 40.83
N ASN B 94 5.94 25.54 42.11
CA ASN B 94 6.84 26.54 42.66
C ASN B 94 6.79 27.84 41.84
N GLY B 95 5.57 28.27 41.51
CA GLY B 95 5.35 29.48 40.74
C GLY B 95 5.33 29.26 39.23
N ARG B 96 5.76 28.07 38.76
CA ARG B 96 5.82 27.74 37.35
C ARG B 96 4.60 26.96 36.88
N ALA B 97 4.27 27.08 35.60
CA ALA B 97 3.08 26.46 35.02
C ALA B 97 3.03 24.93 35.02
N LEU B 98 1.83 24.41 35.22
CA LEU B 98 1.52 23.00 35.12
C LEU B 98 0.48 22.84 33.99
N LEU B 99 0.39 21.64 33.39
CA LEU B 99 -0.59 21.40 32.32
C LEU B 99 -2.01 21.54 32.86
N PRO B 100 -2.97 22.00 32.04
CA PRO B 100 -4.36 22.02 32.51
C PRO B 100 -4.87 20.61 32.85
N PHE B 101 -5.93 20.52 33.66
CA PHE B 101 -6.55 19.24 33.97
C PHE B 101 -7.54 18.90 32.88
N ASP B 102 -7.68 17.61 32.60
CA ASP B 102 -8.63 17.13 31.61
C ASP B 102 -9.97 16.83 32.29
N ASN B 103 -11.04 16.74 31.50
CA ASN B 103 -12.37 16.44 32.04
C ASN B 103 -12.78 15.08 31.51
N LEU B 104 -12.22 14.00 32.10
CA LEU B 104 -12.49 12.64 31.67
C LEU B 104 -13.66 12.05 32.44
N HIS B 105 -14.53 11.30 31.75
CA HIS B 105 -15.71 10.69 32.36
C HIS B 105 -15.28 9.63 33.38
N ASP B 106 -14.43 8.71 32.96
CA ASP B 106 -13.86 7.71 33.85
C ASP B 106 -12.36 8.02 33.97
N ASP B 107 -11.98 8.86 34.93
CA ASP B 107 -10.58 9.28 35.08
C ASP B 107 -9.71 8.26 35.82
N PRO B 108 -8.70 7.67 35.14
CA PRO B 108 -7.83 6.68 35.81
C PRO B 108 -6.84 7.28 36.80
N CYS B 109 -6.47 8.56 36.64
CA CYS B 109 -5.57 9.23 37.59
C CYS B 109 -6.19 9.39 38.97
N LEU B 110 -7.53 9.51 39.05
CA LEU B 110 -8.20 9.62 40.37
C LEU B 110 -8.11 8.29 41.16
N LEU B 111 -7.92 7.16 40.46
CA LEU B 111 -7.83 5.83 41.07
C LEU B 111 -6.51 5.58 41.77
N THR B 112 -5.42 6.25 41.34
CA THR B 112 -4.09 6.06 41.91
C THR B 112 -3.95 6.59 43.35
N ASN B 113 -4.65 7.69 43.68
CA ASN B 113 -4.70 8.19 45.04
C ASN B 113 -6.13 8.69 45.28
N ARG B 114 -6.95 7.82 45.87
CA ARG B 114 -8.36 8.11 46.13
C ARG B 114 -8.61 9.41 46.90
N SER B 115 -7.82 9.68 47.93
CA SER B 115 -8.00 10.89 48.73
C SER B 115 -7.40 12.16 48.13
N ALA B 116 -6.42 12.06 47.22
CA ALA B 116 -5.81 13.26 46.63
C ALA B 116 -6.75 14.00 45.67
N ARG B 117 -7.53 13.26 44.88
CA ARG B 117 -8.49 13.82 43.91
C ARG B 117 -7.81 14.67 42.84
N ILE B 118 -6.72 14.15 42.27
CA ILE B 118 -6.00 14.86 41.21
C ILE B 118 -6.28 14.12 39.89
N PRO B 119 -7.00 14.78 38.98
CA PRO B 119 -7.32 14.14 37.70
C PRO B 119 -6.17 14.13 36.69
N CYS B 120 -6.37 13.51 35.52
CA CYS B 120 -5.38 13.44 34.46
C CYS B 120 -5.14 14.84 33.89
N PHE B 121 -3.95 15.05 33.33
CA PHE B 121 -3.63 16.30 32.65
C PHE B 121 -4.12 16.24 31.19
N LEU B 122 -4.24 17.41 30.56
CA LEU B 122 -4.67 17.57 29.19
C LEU B 122 -3.52 18.15 28.36
N ALA B 123 -3.08 17.43 27.35
CA ALA B 123 -1.98 17.85 26.49
C ALA B 123 -2.35 17.53 24.99
N GLY B 124 -1.43 17.76 24.03
CA GLY B 124 -1.67 17.47 22.62
C GLY B 124 -1.93 15.99 22.36
N ASP B 125 -1.32 15.11 23.19
CA ASP B 125 -1.53 13.68 23.09
C ASP B 125 -2.24 13.20 24.37
N THR B 126 -3.18 12.24 24.24
CA THR B 126 -4.00 11.73 25.36
C THR B 126 -3.25 10.96 26.44
N ARG B 127 -2.02 10.51 26.17
CA ARG B 127 -1.29 9.69 27.13
C ARG B 127 -0.36 10.46 28.04
N SER B 128 -0.44 11.82 28.10
CA SER B 128 0.49 12.65 28.88
C SER B 128 0.61 12.30 30.37
N SER B 129 -0.44 11.75 30.98
CA SER B 129 -0.37 11.36 32.41
C SER B 129 -0.01 9.88 32.61
N GLU B 130 0.54 9.22 31.61
CA GLU B 130 0.82 7.79 31.68
C GLU B 130 1.88 7.45 32.72
N MET B 131 2.86 8.34 32.89
CA MET B 131 3.87 8.28 33.92
C MET B 131 4.36 9.70 34.20
N PRO B 132 4.65 10.03 35.47
CA PRO B 132 5.06 11.41 35.79
C PRO B 132 6.29 11.91 35.03
N GLU B 133 7.15 10.99 34.57
CA GLU B 133 8.34 11.31 33.77
C GLU B 133 7.92 11.84 32.39
N LEU B 134 6.84 11.26 31.82
CA LEU B 134 6.29 11.69 30.55
C LEU B 134 5.58 13.03 30.72
N THR B 135 4.80 13.17 31.82
CA THR B 135 4.12 14.41 32.18
C THR B 135 5.14 15.53 32.34
N SER B 136 6.29 15.26 32.95
CA SER B 136 7.37 16.23 33.14
C SER B 136 7.88 16.76 31.81
N MET B 137 8.05 15.88 30.81
CA MET B 137 8.51 16.28 29.48
C MET B 137 7.48 17.14 28.75
N HIS B 138 6.18 16.79 28.89
CA HIS B 138 5.07 17.54 28.30
C HIS B 138 4.99 18.93 28.96
N THR B 139 5.14 18.97 30.29
CA THR B 139 5.08 20.20 31.08
C THR B 139 6.25 21.14 30.75
N LEU B 140 7.43 20.56 30.53
CA LEU B 140 8.61 21.32 30.14
C LEU B 140 8.37 22.03 28.77
N LEU B 141 7.81 21.29 27.77
CA LEU B 141 7.55 21.83 26.43
C LEU B 141 6.42 22.87 26.40
N LEU B 142 5.45 22.77 27.33
CA LEU B 142 4.36 23.73 27.49
C LEU B 142 4.96 25.06 27.95
N ARG B 143 5.89 25.00 28.93
CA ARG B 143 6.58 26.18 29.45
C ARG B 143 7.47 26.79 28.40
N GLU B 144 8.15 25.97 27.60
CA GLU B 144 9.02 26.46 26.54
C GLU B 144 8.23 27.23 25.47
N HIS B 145 7.02 26.75 25.10
CA HIS B 145 6.19 27.48 24.14
C HIS B 145 5.83 28.86 24.67
N ASN B 146 5.37 28.94 25.93
CA ASN B 146 4.97 30.20 26.55
C ASN B 146 6.14 31.14 26.77
N ARG B 147 7.33 30.57 27.02
CA ARG B 147 8.53 31.37 27.18
C ARG B 147 8.89 32.00 25.83
N LEU B 148 8.81 31.22 24.75
CA LEU B 148 9.09 31.68 23.39
C LEU B 148 8.09 32.75 22.92
N ALA B 149 6.78 32.53 23.16
CA ALA B 149 5.72 33.48 22.79
C ALA B 149 5.82 34.81 23.59
N THR B 150 6.40 34.75 24.81
CA THR B 150 6.60 35.94 25.65
C THR B 150 7.83 36.77 25.16
N GLU B 151 8.92 36.08 24.78
CA GLU B 151 10.12 36.76 24.26
C GLU B 151 9.82 37.38 22.89
N LEU B 152 9.05 36.66 22.06
CA LEU B 152 8.67 37.13 20.72
C LEU B 152 7.72 38.35 20.77
N LYS B 153 6.91 38.46 21.84
CA LYS B 153 5.96 39.56 22.01
C LYS B 153 6.71 40.86 22.33
N SER B 154 7.73 40.77 23.19
CA SER B 154 8.54 41.93 23.55
C SER B 154 9.41 42.38 22.37
N LEU B 155 9.88 41.42 21.57
CA LEU B 155 10.72 41.66 20.39
C LEU B 155 9.89 42.24 19.23
N ASN B 156 8.68 41.70 19.02
CA ASN B 156 7.78 42.16 17.96
C ASN B 156 6.41 42.52 18.55
N PRO B 157 6.26 43.71 19.15
CA PRO B 157 4.97 44.06 19.78
C PRO B 157 3.73 44.07 18.89
N ARG B 158 3.84 44.36 17.57
CA ARG B 158 2.66 44.35 16.69
C ARG B 158 2.12 42.96 16.36
N TRP B 159 2.90 41.90 16.63
CA TRP B 159 2.48 40.54 16.33
C TRP B 159 1.27 40.19 17.19
N ASP B 160 0.23 39.60 16.58
CA ASP B 160 -0.98 39.20 17.31
C ASP B 160 -0.87 37.75 17.88
N GLY B 161 -1.87 37.32 18.64
CA GLY B 161 -1.90 36.01 19.28
C GLY B 161 -1.70 34.84 18.36
N GLU B 162 -2.27 34.89 17.16
CA GLU B 162 -2.13 33.82 16.17
C GLU B 162 -0.69 33.72 15.68
N ARG B 163 -0.08 34.87 15.34
CA ARG B 163 1.31 34.95 14.89
C ARG B 163 2.23 34.44 16.00
N LEU B 164 2.02 34.90 17.23
CA LEU B 164 2.83 34.49 18.38
C LEU B 164 2.75 32.98 18.65
N TYR B 165 1.54 32.41 18.56
CA TYR B 165 1.35 30.97 18.77
C TYR B 165 2.06 30.19 17.68
N GLN B 166 1.84 30.58 16.42
CA GLN B 166 2.43 29.86 15.29
C GLN B 166 3.93 29.94 15.27
N GLU B 167 4.50 31.12 15.55
CA GLU B 167 5.94 31.31 15.56
C GLU B 167 6.60 30.54 16.69
N ALA B 168 5.98 30.52 17.89
CA ALA B 168 6.53 29.75 19.01
C ALA B 168 6.40 28.24 18.72
N ARG B 169 5.27 27.82 18.08
CA ARG B 169 5.00 26.42 17.70
C ARG B 169 6.06 25.90 16.71
N LYS B 170 6.38 26.72 15.73
CA LYS B 170 7.37 26.41 14.71
C LYS B 170 8.74 26.18 15.33
N ILE B 171 9.11 26.98 16.34
CA ILE B 171 10.39 26.82 17.03
C ILE B 171 10.40 25.51 17.85
N VAL B 172 9.34 25.26 18.62
CA VAL B 172 9.26 24.05 19.43
C VAL B 172 9.32 22.79 18.56
N GLY B 173 8.62 22.80 17.41
CA GLY B 173 8.67 21.70 16.46
C GLY B 173 10.08 21.46 15.94
N ALA B 174 10.81 22.53 15.58
CA ALA B 174 12.19 22.41 15.10
C ALA B 174 13.11 21.89 16.22
N MET B 175 12.87 22.32 17.48
CA MET B 175 13.64 21.86 18.62
C MET B 175 13.47 20.35 18.82
N VAL B 176 12.24 19.85 18.66
CA VAL B 176 11.95 18.42 18.77
C VAL B 176 12.65 17.63 17.64
N GLN B 177 12.68 18.18 16.40
CA GLN B 177 13.41 17.57 15.27
C GLN B 177 14.94 17.54 15.50
N ILE B 178 15.53 18.64 16.04
CA ILE B 178 16.96 18.76 16.30
C ILE B 178 17.45 17.81 17.38
N ILE B 179 16.74 17.77 18.52
CA ILE B 179 17.10 16.86 19.61
C ILE B 179 17.00 15.41 19.14
N THR B 180 15.92 15.09 18.44
CA THR B 180 15.64 13.75 17.94
C THR B 180 16.69 13.23 16.94
N TYR B 181 16.99 14.03 15.88
CA TYR B 181 17.91 13.60 14.83
C TYR B 181 19.38 13.83 15.09
N ARG B 182 19.76 14.90 15.79
CA ARG B 182 21.16 15.18 16.07
C ARG B 182 21.66 14.42 17.31
N ASP B 183 20.83 14.36 18.35
CA ASP B 183 21.25 13.76 19.62
C ASP B 183 20.68 12.36 19.94
N TYR B 184 19.38 12.14 19.71
CA TYR B 184 18.71 10.89 20.06
C TYR B 184 18.97 9.69 19.10
N LEU B 185 18.50 9.76 17.81
CA LEU B 185 18.64 8.69 16.81
C LEU B 185 20.06 8.14 16.63
N PRO B 186 21.14 8.96 16.56
CA PRO B 186 22.50 8.38 16.47
C PRO B 186 22.81 7.41 17.61
N LEU B 187 22.29 7.70 18.81
CA LEU B 187 22.52 6.85 19.99
C LEU B 187 21.63 5.58 20.00
N VAL B 188 20.54 5.57 19.19
CA VAL B 188 19.65 4.42 19.01
C VAL B 188 20.22 3.47 17.94
N LEU B 189 20.61 4.02 16.78
CA LEU B 189 21.07 3.23 15.65
C LEU B 189 22.54 2.86 15.65
N GLY B 190 23.37 3.70 16.25
CA GLY B 190 24.81 3.50 16.16
C GLY B 190 25.32 4.19 14.90
N PRO B 191 26.64 4.44 14.82
CA PRO B 191 27.18 5.20 13.68
C PRO B 191 26.93 4.62 12.29
N THR B 192 27.13 3.30 12.09
CA THR B 192 27.00 2.69 10.76
C THR B 192 25.54 2.66 10.24
N ALA B 193 24.56 2.32 11.10
CA ALA B 193 23.16 2.37 10.68
C ALA B 193 22.68 3.82 10.52
N MET B 194 23.27 4.77 11.23
CA MET B 194 22.93 6.18 11.11
C MET B 194 23.39 6.65 9.72
N ARG B 195 24.59 6.25 9.29
CA ARG B 195 25.12 6.59 7.96
C ARG B 195 24.30 5.91 6.85
N LYS B 196 23.93 4.65 7.09
CA LYS B 196 23.20 3.84 6.13
C LYS B 196 21.75 4.33 5.93
N TYR B 197 20.97 4.45 6.99
CA TYR B 197 19.56 4.83 6.91
C TYR B 197 19.31 6.34 6.97
N LEU B 198 20.23 7.12 7.54
CA LEU B 198 20.05 8.57 7.62
C LEU B 198 21.25 9.36 7.08
N PRO B 199 21.57 9.21 5.78
CA PRO B 199 22.67 9.99 5.21
C PRO B 199 22.37 11.50 5.27
N THR B 200 23.40 12.34 5.15
CA THR B 200 23.24 13.80 5.21
C THR B 200 22.02 14.33 4.42
N TYR B 201 21.20 15.14 5.09
CA TYR B 201 20.01 15.72 4.52
C TYR B 201 20.38 16.60 3.32
N ARG B 202 19.62 16.50 2.24
CA ARG B 202 19.86 17.30 1.05
C ARG B 202 18.77 18.37 0.94
N SER B 203 17.51 17.94 0.73
CA SER B 203 16.33 18.78 0.62
C SER B 203 15.05 17.93 0.60
N TYR B 204 13.90 18.61 0.73
CA TYR B 204 12.59 17.98 0.70
C TYR B 204 12.37 17.26 -0.64
N ASN B 205 11.77 16.08 -0.55
CA ASN B 205 11.45 15.23 -1.70
C ASN B 205 9.99 14.91 -1.57
N ASP B 206 9.14 15.47 -2.45
CA ASP B 206 7.69 15.22 -2.34
C ASP B 206 7.27 13.81 -2.75
N SER B 207 8.20 12.98 -3.23
CA SER B 207 7.90 11.58 -3.56
C SER B 207 8.21 10.64 -2.42
N VAL B 208 8.55 11.16 -1.23
CA VAL B 208 8.85 10.32 -0.07
C VAL B 208 7.59 10.26 0.75
N ASP B 209 7.07 9.06 0.95
CA ASP B 209 5.84 8.85 1.71
C ASP B 209 6.16 9.01 3.19
N PRO B 210 5.60 10.03 3.88
CA PRO B 210 5.94 10.23 5.30
C PRO B 210 5.05 9.51 6.30
N ARG B 211 4.12 8.65 5.87
CA ARG B 211 3.25 7.92 6.80
C ARG B 211 4.02 6.96 7.69
N ILE B 212 3.50 6.70 8.89
CA ILE B 212 4.08 5.70 9.78
C ILE B 212 3.69 4.34 9.23
N ALA B 213 4.63 3.41 9.10
CA ALA B 213 4.32 2.05 8.65
C ALA B 213 3.74 1.30 9.80
N ASN B 214 2.80 0.41 9.55
CA ASN B 214 2.17 -0.42 10.56
C ASN B 214 3.21 -1.12 11.45
N VAL B 215 4.20 -1.76 10.87
CA VAL B 215 5.27 -2.45 11.62
C VAL B 215 6.04 -1.52 12.60
N PHE B 216 6.23 -0.22 12.27
CA PHE B 216 6.94 0.74 13.12
C PHE B 216 6.25 0.93 14.47
N THR B 217 4.92 0.91 14.51
CA THR B 217 4.17 1.04 15.78
C THR B 217 4.52 -0.08 16.77
N ASN B 218 5.03 -1.20 16.27
CA ASN B 218 5.40 -2.32 17.11
C ASN B 218 6.93 -2.36 17.28
N ALA B 219 7.68 -2.08 16.21
CA ALA B 219 9.15 -2.09 16.28
C ALA B 219 9.68 -0.98 17.21
N PHE B 220 9.02 0.21 17.23
CA PHE B 220 9.48 1.30 18.09
C PHE B 220 9.20 1.04 19.58
N ARG B 221 8.51 -0.07 19.90
CA ARG B 221 8.32 -0.49 21.28
C ARG B 221 9.58 -1.12 21.83
N TYR B 222 10.73 -1.06 21.11
CA TYR B 222 12.04 -1.51 21.64
C TYR B 222 12.33 -0.76 22.98
N GLY B 223 11.83 0.50 23.09
CA GLY B 223 12.00 1.36 24.24
C GLY B 223 11.56 0.75 25.55
N HIS B 224 10.69 -0.27 25.49
CA HIS B 224 10.24 -0.98 26.67
C HIS B 224 11.40 -1.70 27.38
N THR B 225 12.43 -2.08 26.63
CA THR B 225 13.62 -2.76 27.18
C THR B 225 14.54 -1.78 27.98
N LEU B 226 14.32 -0.46 27.85
CA LEU B 226 15.09 0.60 28.53
C LEU B 226 14.46 1.06 29.86
N ILE B 227 13.22 0.65 30.14
CA ILE B 227 12.48 1.07 31.30
C ILE B 227 13.03 0.52 32.63
N GLN B 228 13.37 1.43 33.55
CA GLN B 228 13.82 1.08 34.89
C GLN B 228 12.57 0.74 35.75
N PRO B 229 12.70 -0.14 36.76
CA PRO B 229 11.54 -0.48 37.59
C PRO B 229 11.10 0.60 38.60
N PHE B 230 11.73 1.79 38.62
CA PHE B 230 11.33 2.84 39.56
C PHE B 230 11.37 4.23 38.96
N MET B 231 10.65 5.16 39.58
CA MET B 231 10.76 6.57 39.23
C MET B 231 11.74 7.13 40.29
N PHE B 232 12.85 7.69 39.83
CA PHE B 232 13.91 8.22 40.66
C PHE B 232 13.78 9.75 40.79
N ARG B 233 13.74 10.27 42.01
CA ARG B 233 13.64 11.71 42.25
C ARG B 233 14.84 12.19 43.06
N LEU B 234 15.46 13.29 42.60
CA LEU B 234 16.64 13.85 43.24
C LEU B 234 16.41 15.31 43.64
N ASP B 235 16.99 15.71 44.78
CA ASP B 235 16.88 17.07 45.32
C ASP B 235 17.82 18.08 44.60
N ASN B 236 17.86 19.35 45.04
CA ASN B 236 18.70 20.38 44.46
C ASN B 236 20.18 19.95 44.30
N ARG B 237 20.71 19.10 45.22
CA ARG B 237 22.09 18.62 45.16
C ARG B 237 22.25 17.23 44.48
N TYR B 238 21.24 16.78 43.73
CA TYR B 238 21.20 15.50 43.00
C TYR B 238 21.37 14.25 43.86
N GLN B 239 20.86 14.33 45.08
CA GLN B 239 20.83 13.22 46.03
C GLN B 239 19.39 12.73 46.14
N PRO B 240 19.14 11.46 46.52
CA PRO B 240 17.75 10.97 46.66
C PRO B 240 16.81 11.93 47.41
N MET B 241 15.62 12.24 46.86
CA MET B 241 14.67 13.13 47.56
C MET B 241 13.83 12.31 48.55
N GLU B 242 14.26 12.31 49.81
CA GLU B 242 13.64 11.55 50.92
C GLU B 242 12.22 12.01 51.27
N PRO B 243 11.31 11.09 51.69
CA PRO B 243 11.51 9.66 51.96
C PRO B 243 10.93 8.71 50.91
N ASN B 244 10.66 9.20 49.67
CA ASN B 244 10.15 8.36 48.58
C ASN B 244 10.97 8.54 47.27
N PRO B 245 12.32 8.35 47.32
CA PRO B 245 13.13 8.59 46.12
C PRO B 245 13.15 7.49 45.06
N ARG B 246 12.67 6.28 45.38
CA ARG B 246 12.65 5.20 44.40
C ARG B 246 11.27 4.53 44.41
N VAL B 247 10.25 5.21 43.87
CA VAL B 247 8.89 4.65 43.87
C VAL B 247 8.72 3.66 42.72
N PRO B 248 8.30 2.42 43.03
CA PRO B 248 8.10 1.42 41.96
C PRO B 248 7.20 1.92 40.83
N LEU B 249 7.49 1.52 39.59
CA LEU B 249 6.73 1.99 38.43
C LEU B 249 5.25 1.64 38.48
N SER B 250 4.86 0.47 39.07
CA SER B 250 3.44 0.12 39.20
C SER B 250 2.65 1.00 40.20
N ARG B 251 3.32 1.98 40.83
CA ARG B 251 2.67 2.97 41.68
C ARG B 251 2.80 4.41 41.11
N VAL B 252 3.35 4.56 39.87
CA VAL B 252 3.46 5.87 39.23
C VAL B 252 2.59 5.98 37.97
N PHE B 253 2.07 4.85 37.44
CA PHE B 253 1.24 4.86 36.21
C PHE B 253 -0.04 5.64 36.52
N PHE B 254 -0.32 6.67 35.70
CA PHE B 254 -1.47 7.56 35.90
C PHE B 254 -1.42 8.35 37.23
N ALA B 255 -0.29 8.41 37.94
CA ALA B 255 -0.19 9.11 39.22
C ALA B 255 0.10 10.60 39.06
N SER B 256 -0.86 11.34 38.45
CA SER B 256 -0.75 12.79 38.27
C SER B 256 -0.66 13.54 39.62
N TRP B 257 -1.19 12.91 40.71
CA TRP B 257 -1.14 13.50 42.04
C TRP B 257 0.31 13.68 42.53
N ARG B 258 1.27 12.87 42.05
CA ARG B 258 2.67 12.99 42.47
C ARG B 258 3.31 14.25 41.90
N VAL B 259 2.95 14.63 40.66
CA VAL B 259 3.49 15.86 40.06
C VAL B 259 2.98 17.08 40.86
N VAL B 260 1.67 17.11 41.12
CA VAL B 260 0.99 18.19 41.83
C VAL B 260 1.33 18.30 43.31
N LEU B 261 1.32 17.17 44.04
CA LEU B 261 1.53 17.20 45.48
C LEU B 261 2.89 16.73 45.99
N GLU B 262 3.77 16.17 45.12
CA GLU B 262 5.07 15.67 45.62
C GLU B 262 6.31 16.38 45.04
N GLY B 263 6.27 17.71 44.93
CA GLY B 263 7.42 18.50 44.49
C GLY B 263 7.57 18.90 43.03
N GLY B 264 6.54 18.71 42.21
CA GLY B 264 6.59 19.14 40.82
C GLY B 264 7.46 18.31 39.90
N ILE B 265 7.91 18.93 38.79
CA ILE B 265 8.67 18.24 37.75
C ILE B 265 10.17 18.27 37.95
N ASP B 266 10.70 19.19 38.77
CA ASP B 266 12.16 19.30 38.97
C ASP B 266 12.82 18.04 39.54
N PRO B 267 12.28 17.42 40.62
CA PRO B 267 12.91 16.20 41.15
C PRO B 267 12.95 15.07 40.13
N ILE B 268 11.89 14.98 39.30
CA ILE B 268 11.71 14.00 38.24
C ILE B 268 12.68 14.21 37.08
N LEU B 269 12.78 15.43 36.56
CA LEU B 269 13.72 15.76 35.49
C LEU B 269 15.17 15.53 35.96
N ARG B 270 15.47 15.79 37.24
CA ARG B 270 16.80 15.54 37.78
C ARG B 270 17.12 14.03 37.78
N GLY B 271 16.13 13.22 38.15
CA GLY B 271 16.25 11.77 38.18
C GLY B 271 16.42 11.19 36.78
N LEU B 272 15.76 11.76 35.76
CA LEU B 272 15.93 11.26 34.38
C LEU B 272 17.37 11.52 33.90
N MET B 273 17.95 12.67 34.27
CA MET B 273 19.29 13.09 33.87
C MET B 273 20.41 12.33 34.57
N ALA B 274 20.29 12.15 35.91
CA ALA B 274 21.36 11.52 36.68
C ALA B 274 21.14 10.06 37.06
N THR B 275 20.24 9.35 36.37
CA THR B 275 20.06 7.92 36.62
C THR B 275 20.27 7.18 35.31
N PRO B 276 21.06 6.09 35.30
CA PRO B 276 21.23 5.34 34.03
C PRO B 276 19.94 4.68 33.53
N ALA B 277 19.84 4.46 32.22
CA ALA B 277 18.70 3.73 31.65
C ALA B 277 18.95 2.22 31.93
N LYS B 278 17.91 1.38 31.80
CA LYS B 278 18.13 -0.06 31.94
C LYS B 278 18.74 -0.50 30.61
N LEU B 279 19.75 -1.39 30.67
CA LEU B 279 20.37 -1.90 29.44
C LEU B 279 19.59 -3.15 28.96
N ASN B 280 19.40 -3.28 27.64
CA ASN B 280 18.73 -4.44 27.09
C ASN B 280 19.74 -5.56 26.98
N ARG B 281 19.51 -6.68 27.66
CA ARG B 281 20.38 -7.85 27.59
C ARG B 281 19.54 -9.01 27.09
N GLN B 282 20.13 -9.97 26.38
CA GLN B 282 19.40 -11.11 25.85
C GLN B 282 18.75 -12.01 26.93
N ASN B 283 19.22 -11.91 28.18
CA ASN B 283 18.60 -12.63 29.30
C ASN B 283 17.93 -11.68 30.33
N GLN B 284 17.82 -10.37 29.99
CA GLN B 284 17.26 -9.32 30.84
C GLN B 284 16.50 -8.34 29.93
N ILE B 285 15.50 -8.84 29.20
CA ILE B 285 14.79 -8.03 28.20
C ILE B 285 13.88 -6.92 28.78
N ALA B 286 12.86 -7.25 29.58
CA ALA B 286 11.99 -6.21 30.15
C ALA B 286 11.62 -6.48 31.59
N VAL B 287 11.50 -5.43 32.41
CA VAL B 287 11.24 -5.58 33.86
C VAL B 287 9.80 -5.99 34.21
N ASP B 288 9.63 -6.64 35.37
CA ASP B 288 8.32 -7.07 35.86
C ASP B 288 7.38 -5.91 36.26
N GLU B 289 7.89 -4.66 36.46
CA GLU B 289 6.97 -3.52 36.72
C GLU B 289 6.03 -3.30 35.51
N ILE B 290 6.49 -3.64 34.28
CA ILE B 290 5.69 -3.55 33.05
C ILE B 290 5.24 -4.95 32.56
N ARG B 291 6.00 -6.00 32.92
CA ARG B 291 5.70 -7.39 32.52
C ARG B 291 4.64 -8.05 33.40
N GLU B 292 4.54 -7.66 34.66
CA GLU B 292 3.60 -8.23 35.63
C GLU B 292 2.61 -7.23 36.21
N ARG B 293 3.03 -5.97 36.47
CA ARG B 293 2.16 -5.01 37.17
C ARG B 293 1.76 -3.74 36.39
N LEU B 294 1.72 -3.82 35.05
CA LEU B 294 1.34 -2.65 34.24
C LEU B 294 -0.10 -2.25 34.53
N PHE B 295 -0.30 -1.00 34.96
CA PHE B 295 -1.60 -0.40 35.28
C PHE B 295 -2.41 -1.11 36.38
N GLU B 296 -1.70 -1.77 37.32
CA GLU B 296 -2.26 -2.55 38.43
C GLU B 296 -3.28 -1.78 39.27
N GLN B 297 -2.99 -0.51 39.56
CA GLN B 297 -3.85 0.34 40.40
C GLN B 297 -5.14 0.78 39.71
N VAL B 298 -5.12 0.88 38.37
CA VAL B 298 -6.27 1.42 37.65
C VAL B 298 -7.06 0.37 36.87
N MET B 299 -6.76 -0.91 37.08
CA MET B 299 -7.35 -2.01 36.35
C MET B 299 -7.63 -3.21 37.22
N ARG B 300 -8.49 -4.15 36.74
CA ARG B 300 -8.82 -5.36 37.51
C ARG B 300 -7.61 -6.27 37.69
N ILE B 301 -6.71 -6.27 36.72
CA ILE B 301 -5.53 -7.11 36.75
C ILE B 301 -4.32 -6.36 36.14
N GLY B 302 -3.11 -6.71 36.61
CA GLY B 302 -1.88 -6.13 36.09
C GLY B 302 -1.65 -6.69 34.70
N LEU B 303 -1.23 -5.83 33.77
CA LEU B 303 -0.98 -6.24 32.40
C LEU B 303 0.47 -6.66 32.18
N ASP B 304 0.73 -7.29 31.01
CA ASP B 304 2.07 -7.72 30.58
C ASP B 304 2.33 -6.94 29.29
N LEU B 305 3.12 -5.85 29.36
CA LEU B 305 3.39 -4.99 28.21
C LEU B 305 4.11 -5.74 27.09
N PRO B 306 5.19 -6.50 27.38
CA PRO B 306 5.82 -7.31 26.30
C PRO B 306 4.85 -8.27 25.64
N ALA B 307 3.93 -8.92 26.39
CA ALA B 307 2.97 -9.85 25.81
C ALA B 307 1.89 -9.10 25.00
N LEU B 308 1.49 -7.89 25.44
CA LEU B 308 0.55 -7.06 24.69
C LEU B 308 1.16 -6.67 23.33
N ASN B 309 2.46 -6.38 23.29
CA ASN B 309 3.16 -6.02 22.06
C ASN B 309 3.07 -7.14 20.99
N MET B 310 3.16 -8.41 21.45
CA MET B 310 3.09 -9.58 20.60
C MET B 310 1.69 -9.84 20.14
N GLN B 311 0.72 -9.72 21.02
CA GLN B 311 -0.70 -9.87 20.69
C GLN B 311 -1.13 -8.77 19.71
N ARG B 312 -0.61 -7.54 19.89
CA ARG B 312 -0.89 -6.39 19.01
C ARG B 312 -0.32 -6.62 17.60
N SER B 313 0.88 -7.23 17.48
CA SER B 313 1.43 -7.52 16.13
C SER B 313 0.56 -8.56 15.40
N ARG B 314 -0.01 -9.52 16.13
CA ARG B 314 -0.89 -10.51 15.51
C ARG B 314 -2.23 -9.86 15.13
N ASP B 315 -2.79 -9.03 16.04
CA ASP B 315 -4.00 -8.25 15.80
C ASP B 315 -3.84 -7.40 14.51
N HIS B 316 -2.65 -6.80 14.31
CA HIS B 316 -2.27 -5.95 13.16
C HIS B 316 -1.84 -6.77 11.91
N GLY B 317 -1.93 -8.09 11.98
CA GLY B 317 -1.57 -8.99 10.90
C GLY B 317 -0.13 -8.87 10.45
N LEU B 318 0.79 -8.50 11.35
CA LEU B 318 2.18 -8.32 10.95
C LEU B 318 2.85 -9.64 10.62
N PRO B 319 3.59 -9.69 9.50
CA PRO B 319 4.37 -10.89 9.19
C PRO B 319 5.42 -11.19 10.30
N GLY B 320 5.92 -12.41 10.28
CA GLY B 320 6.92 -12.87 11.22
C GLY B 320 8.33 -12.39 10.92
N TYR B 321 9.24 -12.71 11.85
CA TYR B 321 10.66 -12.38 11.90
C TYR B 321 11.37 -12.58 10.58
N ASN B 322 11.23 -13.76 9.94
CA ASN B 322 11.96 -13.98 8.68
C ASN B 322 11.45 -13.15 7.53
N ALA B 323 10.16 -12.79 7.49
CA ALA B 323 9.65 -11.97 6.38
C ALA B 323 10.22 -10.55 6.51
N TRP B 324 10.33 -10.05 7.76
CA TRP B 324 10.92 -8.73 8.04
C TRP B 324 12.41 -8.73 7.82
N ARG B 325 13.10 -9.86 8.10
CA ARG B 325 14.53 -9.98 7.82
C ARG B 325 14.71 -9.93 6.26
N ARG B 326 13.87 -10.65 5.52
CA ARG B 326 13.93 -10.64 4.06
C ARG B 326 13.66 -9.25 3.50
N PHE B 327 12.68 -8.50 4.06
CA PHE B 327 12.32 -7.15 3.66
C PHE B 327 13.52 -6.21 3.80
N CYS B 328 14.27 -6.35 4.91
CA CYS B 328 15.47 -5.60 5.26
C CYS B 328 16.75 -6.02 4.54
N GLY B 329 16.70 -7.09 3.75
CA GLY B 329 17.87 -7.60 3.04
C GLY B 329 18.85 -8.32 3.94
N LEU B 330 18.32 -8.95 5.01
CA LEU B 330 19.10 -9.69 6.00
C LEU B 330 18.82 -11.20 5.87
N PRO B 331 19.82 -12.04 6.17
CA PRO B 331 19.62 -13.50 6.07
C PRO B 331 18.49 -14.04 6.94
N GLN B 332 17.83 -15.10 6.49
CA GLN B 332 16.69 -15.67 7.20
C GLN B 332 17.00 -17.05 7.74
N PRO B 333 17.35 -17.15 9.03
CA PRO B 333 17.69 -18.47 9.63
C PRO B 333 16.49 -19.43 9.70
N GLU B 334 16.71 -20.72 9.40
CA GLU B 334 15.65 -21.73 9.41
C GLU B 334 15.79 -22.75 10.57
N THR B 335 17.03 -23.12 10.93
CA THR B 335 17.28 -24.07 12.05
C THR B 335 17.76 -23.34 13.31
N VAL B 336 17.78 -24.04 14.46
CA VAL B 336 18.23 -23.49 15.74
C VAL B 336 19.69 -23.00 15.68
N GLY B 337 20.57 -23.76 14.99
CA GLY B 337 21.98 -23.41 14.82
C GLY B 337 22.15 -22.12 14.02
N GLN B 338 21.38 -21.96 12.92
CA GLN B 338 21.46 -20.75 12.11
C GLN B 338 20.94 -19.55 12.90
N LEU B 339 19.85 -19.71 13.66
CA LEU B 339 19.31 -18.61 14.49
C LEU B 339 20.30 -18.23 15.62
N GLY B 340 21.04 -19.23 16.12
CA GLY B 340 22.07 -19.06 17.13
C GLY B 340 23.18 -18.17 16.64
N THR B 341 23.56 -18.32 15.37
CA THR B 341 24.60 -17.51 14.74
C THR B 341 24.10 -16.06 14.52
N VAL B 342 22.86 -15.89 14.10
CA VAL B 342 22.29 -14.55 13.90
C VAL B 342 22.19 -13.78 15.24
N LEU B 343 21.83 -14.49 16.32
CA LEU B 343 21.67 -13.87 17.63
C LEU B 343 22.93 -13.90 18.49
N ARG B 344 24.02 -14.58 18.03
CA ARG B 344 25.27 -14.82 18.81
C ARG B 344 24.91 -15.41 20.18
N ASN B 345 23.91 -16.31 20.19
CA ASN B 345 23.35 -16.88 21.42
C ASN B 345 22.51 -18.11 21.06
N LEU B 346 23.10 -19.29 21.13
CA LEU B 346 22.39 -20.54 20.83
C LEU B 346 21.32 -20.82 21.88
N LYS B 347 21.54 -20.40 23.15
CA LYS B 347 20.58 -20.62 24.24
C LYS B 347 19.29 -19.85 24.00
N LEU B 348 19.41 -18.56 23.64
CA LEU B 348 18.22 -17.75 23.33
C LEU B 348 17.52 -18.31 22.08
N ALA B 349 18.31 -18.73 21.07
CA ALA B 349 17.74 -19.32 19.84
C ALA B 349 16.98 -20.61 20.15
N ARG B 350 17.49 -21.43 21.07
CA ARG B 350 16.83 -22.67 21.48
C ARG B 350 15.47 -22.34 22.11
N LYS B 351 15.40 -21.30 22.96
CA LYS B 351 14.17 -20.90 23.64
C LYS B 351 13.17 -20.27 22.69
N LEU B 352 13.66 -19.52 21.71
CA LEU B 352 12.81 -18.93 20.68
C LEU B 352 12.26 -20.05 19.80
N MET B 353 13.07 -21.07 19.51
CA MET B 353 12.62 -22.21 18.71
C MET B 353 11.62 -23.06 19.48
N GLU B 354 11.81 -23.21 20.80
CA GLU B 354 10.91 -23.97 21.65
C GLU B 354 9.49 -23.37 21.64
N GLN B 355 9.42 -22.03 21.65
CA GLN B 355 8.13 -21.33 21.61
C GLN B 355 7.50 -21.31 20.24
N TYR B 356 8.27 -20.92 19.20
CA TYR B 356 7.75 -20.66 17.87
C TYR B 356 7.83 -21.77 16.84
N GLY B 357 8.72 -22.73 17.03
CA GLY B 357 8.89 -23.83 16.09
C GLY B 357 9.71 -23.51 14.87
N THR B 358 9.54 -22.29 14.35
CA THR B 358 10.26 -21.80 13.19
C THR B 358 10.59 -20.32 13.37
N PRO B 359 11.79 -19.86 12.98
CA PRO B 359 12.07 -18.41 13.05
C PRO B 359 11.14 -17.57 12.15
N ASN B 360 10.33 -18.24 11.26
CA ASN B 360 9.35 -17.57 10.41
C ASN B 360 8.22 -16.99 11.23
N ASN B 361 7.92 -17.57 12.41
CA ASN B 361 6.81 -17.17 13.26
C ASN B 361 7.17 -16.27 14.42
N ILE B 362 8.46 -15.98 14.67
CA ILE B 362 8.84 -15.11 15.79
C ILE B 362 8.19 -13.72 15.61
N ASP B 363 7.46 -13.22 16.63
CA ASP B 363 6.79 -11.94 16.51
C ASP B 363 7.81 -10.84 16.36
N ILE B 364 7.55 -9.87 15.47
CA ILE B 364 8.49 -8.79 15.18
C ILE B 364 9.14 -8.13 16.44
N TRP B 365 8.38 -7.74 17.50
CA TRP B 365 8.99 -7.14 18.71
C TRP B 365 9.90 -8.12 19.37
N MET B 366 9.45 -9.38 19.51
CA MET B 366 10.25 -10.39 20.17
C MET B 366 11.60 -10.64 19.46
N GLY B 367 11.55 -10.82 18.13
CA GLY B 367 12.72 -11.07 17.33
C GLY B 367 13.62 -9.86 17.30
N GLY B 368 13.02 -8.70 17.12
CA GLY B 368 13.76 -7.44 17.10
C GLY B 368 14.56 -7.16 18.36
N VAL B 369 13.95 -7.30 19.54
CA VAL B 369 14.64 -7.02 20.81
C VAL B 369 15.62 -8.13 21.22
N SER B 370 15.56 -9.32 20.58
CA SER B 370 16.49 -10.43 20.88
C SER B 370 17.84 -10.29 20.15
N GLU B 371 17.89 -9.49 19.09
CA GLU B 371 19.11 -9.30 18.32
C GLU B 371 20.19 -8.58 19.12
N PRO B 372 21.47 -8.98 18.93
CA PRO B 372 22.56 -8.28 19.65
C PRO B 372 22.65 -6.82 19.23
N LEU B 373 22.99 -5.95 20.17
CA LEU B 373 23.01 -4.52 19.87
C LEU B 373 24.12 -4.13 18.92
N LYS B 374 23.83 -3.29 17.92
CA LYS B 374 24.87 -2.77 17.03
C LYS B 374 25.79 -1.85 17.87
N ARG B 375 27.04 -1.72 17.45
CA ARG B 375 28.05 -0.91 18.09
C ARG B 375 27.61 0.54 18.26
N LYS B 376 27.73 1.05 19.51
CA LYS B 376 27.35 2.39 19.96
C LYS B 376 25.87 2.74 19.75
N GLY B 377 25.04 1.72 19.59
CA GLY B 377 23.59 1.83 19.41
C GLY B 377 22.89 0.87 20.38
N ARG B 378 21.56 0.99 20.48
CA ARG B 378 20.77 0.19 21.43
C ARG B 378 19.68 -0.69 20.76
N VAL B 379 19.85 -0.97 19.48
CA VAL B 379 19.00 -1.88 18.70
C VAL B 379 19.95 -2.74 17.83
N GLY B 380 19.46 -3.87 17.31
CA GLY B 380 20.21 -4.73 16.39
C GLY B 380 19.89 -4.50 14.91
N PRO B 381 20.38 -5.38 14.01
CA PRO B 381 20.21 -5.15 12.56
C PRO B 381 18.79 -4.93 12.03
N LEU B 382 17.82 -5.75 12.48
CA LEU B 382 16.43 -5.68 12.04
C LEU B 382 15.72 -4.39 12.47
N LEU B 383 15.80 -4.08 13.80
CA LEU B 383 15.14 -2.91 14.33
C LEU B 383 15.79 -1.65 13.82
N ALA B 384 17.12 -1.63 13.64
CA ALA B 384 17.79 -0.46 13.08
C ALA B 384 17.27 -0.17 11.67
N CYS B 385 17.00 -1.22 10.90
CA CYS B 385 16.44 -1.05 9.57
C CYS B 385 15.03 -0.47 9.59
N ILE B 386 14.12 -1.07 10.35
CA ILE B 386 12.74 -0.57 10.43
C ILE B 386 12.69 0.87 10.97
N ILE B 387 13.44 1.16 12.06
CA ILE B 387 13.47 2.47 12.68
C ILE B 387 14.15 3.53 11.78
N GLY B 388 15.30 3.21 11.21
CA GLY B 388 15.98 4.13 10.31
C GLY B 388 15.18 4.47 9.07
N THR B 389 14.54 3.46 8.47
CA THR B 389 13.71 3.65 7.28
C THR B 389 12.55 4.60 7.61
N GLN B 390 11.92 4.39 8.76
CA GLN B 390 10.84 5.27 9.19
C GLN B 390 11.30 6.71 9.38
N PHE B 391 12.41 6.92 10.17
CA PHE B 391 12.87 8.26 10.46
C PHE B 391 13.42 8.97 9.24
N ARG B 392 13.91 8.24 8.22
CA ARG B 392 14.35 8.91 7.00
C ARG B 392 13.16 9.43 6.21
N LYS B 393 12.05 8.67 6.21
CA LYS B 393 10.82 9.08 5.54
C LYS B 393 10.18 10.29 6.22
N LEU B 394 10.22 10.35 7.54
CA LEU B 394 9.70 11.50 8.30
C LEU B 394 10.49 12.80 8.04
N ARG B 395 11.80 12.70 7.72
CA ARG B 395 12.66 13.87 7.48
C ARG B 395 12.64 14.34 6.02
N ASP B 396 12.91 13.42 5.10
CA ASP B 396 12.93 13.65 3.65
C ASP B 396 11.55 13.94 3.07
N GLY B 397 10.51 13.38 3.68
CA GLY B 397 9.13 13.58 3.24
C GLY B 397 8.35 14.65 4.00
N ASP B 398 9.07 15.53 4.72
CA ASP B 398 8.44 16.60 5.49
C ASP B 398 8.73 17.94 4.82
N ARG B 399 7.69 18.62 4.32
CA ARG B 399 7.86 19.92 3.68
C ARG B 399 8.26 21.00 4.71
N PHE B 400 7.89 20.83 5.97
CA PHE B 400 8.24 21.79 7.02
C PHE B 400 9.45 21.33 7.84
N TRP B 401 10.33 20.47 7.28
CA TRP B 401 11.54 20.04 8.00
C TRP B 401 12.41 21.30 8.23
N TRP B 402 12.90 21.49 9.44
CA TRP B 402 13.61 22.72 9.82
C TRP B 402 14.79 23.12 8.90
N GLU B 403 15.45 22.15 8.24
CA GLU B 403 16.55 22.46 7.31
C GLU B 403 16.07 22.68 5.86
N ASN B 404 14.78 22.50 5.56
CA ASN B 404 14.29 22.68 4.20
C ASN B 404 14.33 24.15 3.80
N GLU B 405 14.85 24.44 2.59
CA GLU B 405 14.96 25.80 2.07
C GLU B 405 13.60 26.51 2.08
N GLY B 406 13.55 27.67 2.72
CA GLY B 406 12.31 28.42 2.84
C GLY B 406 11.67 28.37 4.22
N VAL B 407 11.89 27.26 4.99
CA VAL B 407 11.25 27.07 6.31
C VAL B 407 11.76 28.11 7.29
N PHE B 408 13.08 28.14 7.54
CA PHE B 408 13.69 29.16 8.38
C PHE B 408 14.72 29.94 7.53
N SER B 409 15.08 31.15 7.96
CA SER B 409 16.13 31.90 7.28
C SER B 409 17.48 31.24 7.66
N MET B 410 18.56 31.55 6.92
CA MET B 410 19.89 30.99 7.23
C MET B 410 20.33 31.34 8.66
N GLN B 411 20.02 32.59 9.09
CA GLN B 411 20.28 33.16 10.39
C GLN B 411 19.48 32.44 11.48
N GLN B 412 18.20 32.06 11.18
CA GLN B 412 17.35 31.32 12.12
C GLN B 412 17.83 29.89 12.25
N ARG B 413 18.24 29.27 11.12
CA ARG B 413 18.78 27.91 11.17
C ARG B 413 20.06 27.87 12.03
N GLN B 414 20.90 28.92 11.91
CA GLN B 414 22.13 28.96 12.70
C GLN B 414 21.84 29.19 14.19
N ALA B 415 20.79 29.93 14.52
CA ALA B 415 20.42 30.15 15.92
C ALA B 415 19.81 28.89 16.54
N LEU B 416 19.00 28.15 15.75
CA LEU B 416 18.38 26.89 16.17
C LEU B 416 19.42 25.77 16.35
N ALA B 417 20.50 25.80 15.58
CA ALA B 417 21.57 24.82 15.70
C ALA B 417 22.19 24.80 17.13
N GLN B 418 22.08 25.92 17.87
CA GLN B 418 22.62 26.01 19.21
C GLN B 418 21.68 25.53 20.33
N ILE B 419 20.50 25.02 19.99
CA ILE B 419 19.57 24.51 21.01
C ILE B 419 20.02 23.16 21.59
N SER B 420 19.52 22.81 22.77
CA SER B 420 19.78 21.54 23.42
C SER B 420 18.72 21.29 24.50
N LEU B 421 18.46 20.01 24.82
CA LEU B 421 17.51 19.69 25.89
C LEU B 421 17.98 20.21 27.27
N PRO B 422 19.28 20.09 27.65
CA PRO B 422 19.74 20.68 28.92
C PRO B 422 19.44 22.19 29.05
N ARG B 423 19.53 22.94 27.94
CA ARG B 423 19.22 24.38 27.96
C ARG B 423 17.70 24.63 28.14
N ILE B 424 16.84 23.78 27.54
CA ILE B 424 15.38 23.90 27.71
C ILE B 424 15.01 23.64 29.20
N ILE B 425 15.74 22.74 29.89
CA ILE B 425 15.54 22.51 31.32
C ILE B 425 15.98 23.79 32.13
N CYS B 426 17.10 24.42 31.74
CA CYS B 426 17.60 25.63 32.40
C CYS B 426 16.55 26.75 32.35
N ASP B 427 16.00 26.98 31.15
CA ASP B 427 15.07 28.05 30.90
C ASP B 427 13.70 27.92 31.53
N ASN B 428 13.24 26.69 31.80
CA ASN B 428 11.85 26.49 32.25
C ASN B 428 11.68 25.78 33.58
N THR B 429 12.76 25.59 34.33
CA THR B 429 12.69 24.91 35.63
C THR B 429 13.59 25.63 36.65
N GLY B 430 13.54 25.23 37.92
CA GLY B 430 14.43 25.77 38.94
C GLY B 430 15.76 25.03 39.01
N ILE B 431 16.00 24.07 38.08
CA ILE B 431 17.24 23.29 38.03
C ILE B 431 18.37 24.17 37.49
N THR B 432 19.44 24.30 38.24
CA THR B 432 20.56 25.15 37.87
C THR B 432 21.79 24.36 37.34
N THR B 433 21.81 23.04 37.55
CA THR B 433 22.89 22.18 37.09
C THR B 433 22.27 21.10 36.23
N VAL B 434 22.68 21.03 34.97
CA VAL B 434 22.11 20.08 34.00
C VAL B 434 23.19 19.23 33.32
N SER B 435 22.79 18.16 32.62
CA SER B 435 23.69 17.24 31.94
C SER B 435 24.49 17.93 30.84
N LYS B 436 25.72 17.45 30.57
CA LYS B 436 26.46 17.96 29.42
C LYS B 436 26.00 17.18 28.19
N ASN B 437 26.06 17.83 27.02
CA ASN B 437 25.68 17.18 25.77
C ASN B 437 26.72 16.08 25.48
N ASN B 438 26.30 14.87 25.14
CA ASN B 438 24.93 14.48 24.80
C ASN B 438 24.13 14.05 26.04
N ILE B 439 22.99 14.72 26.30
CA ILE B 439 22.10 14.46 27.43
C ILE B 439 21.66 12.99 27.51
N PHE B 440 21.46 12.34 26.36
CA PHE B 440 21.06 10.93 26.29
C PHE B 440 22.17 9.94 26.69
N MET B 441 23.44 10.42 26.72
CA MET B 441 24.58 9.62 27.13
C MET B 441 24.94 9.93 28.57
N SER B 442 25.12 11.24 28.90
CA SER B 442 25.45 11.74 30.23
C SER B 442 24.45 11.23 31.26
N ASN B 443 24.93 10.55 32.32
CA ASN B 443 24.03 9.97 33.31
C ASN B 443 24.59 9.94 34.75
N SER B 444 25.81 10.46 34.97
CA SER B 444 26.42 10.42 36.31
C SER B 444 26.72 11.79 36.89
N TYR B 445 26.13 12.10 38.04
CA TYR B 445 26.40 13.35 38.75
C TYR B 445 27.54 13.11 39.75
N PRO B 446 28.53 14.03 39.85
CA PRO B 446 28.67 15.30 39.13
C PRO B 446 29.46 15.26 37.82
N ARG B 447 30.22 14.16 37.58
CA ARG B 447 31.09 13.92 36.41
C ARG B 447 30.52 14.42 35.06
N ASP B 448 29.26 14.09 34.76
CA ASP B 448 28.63 14.46 33.48
C ASP B 448 27.74 15.70 33.58
N PHE B 449 27.94 16.57 34.59
CA PHE B 449 27.08 17.74 34.76
C PHE B 449 27.80 19.07 34.70
N VAL B 450 27.09 20.13 34.28
CA VAL B 450 27.60 21.50 34.19
C VAL B 450 26.55 22.52 34.69
N ASN B 451 26.96 23.79 34.92
CA ASN B 451 26.01 24.81 35.35
C ASN B 451 25.31 25.49 34.18
N CYS B 452 24.05 25.95 34.40
CA CYS B 452 23.20 26.65 33.43
C CYS B 452 23.93 27.78 32.76
N SER B 453 24.71 28.53 33.55
CA SER B 453 25.46 29.71 33.13
C SER B 453 26.48 29.44 32.02
N THR B 454 26.89 28.18 31.85
CA THR B 454 27.86 27.81 30.81
C THR B 454 27.19 27.51 29.45
N LEU B 455 25.89 27.19 29.45
CA LEU B 455 25.18 26.89 28.20
C LEU B 455 24.47 28.14 27.69
N PRO B 456 24.84 28.61 26.49
CA PRO B 456 24.16 29.79 25.93
C PRO B 456 22.72 29.50 25.51
N ALA B 457 21.86 30.51 25.61
CA ALA B 457 20.45 30.35 25.29
C ALA B 457 20.14 30.62 23.78
N LEU B 458 18.96 30.22 23.32
CA LEU B 458 18.53 30.45 21.94
C LEU B 458 18.40 31.96 21.73
N ASN B 459 19.11 32.47 20.72
CA ASN B 459 19.08 33.89 20.38
C ASN B 459 17.96 34.13 19.35
N LEU B 460 16.88 34.79 19.78
CA LEU B 460 15.76 35.06 18.89
C LEU B 460 15.90 36.35 18.06
N ALA B 461 17.09 36.96 18.02
CA ALA B 461 17.30 38.20 17.25
C ALA B 461 16.87 38.11 15.79
N SER B 462 17.15 36.97 15.13
CA SER B 462 16.77 36.80 13.73
C SER B 462 15.25 36.72 13.49
N TRP B 463 14.45 36.63 14.56
CA TRP B 463 13.00 36.60 14.45
C TRP B 463 12.37 38.03 14.51
N ARG B 464 13.19 39.08 14.59
CA ARG B 464 12.69 40.45 14.63
C ARG B 464 12.26 40.95 13.24
N GLU B 465 11.05 41.47 13.12
CA GLU B 465 10.56 42.02 11.87
C GLU B 465 10.99 43.48 11.72
N CYS C 1 -6.45 -22.47 4.33
CA CYS C 1 -5.81 -23.13 3.20
C CYS C 1 -5.55 -24.58 3.48
N PRO C 2 -6.06 -25.50 2.64
CA PRO C 2 -5.74 -26.92 2.84
C PRO C 2 -4.24 -27.14 2.59
N GLU C 3 -3.58 -27.89 3.47
CA GLU C 3 -2.14 -28.18 3.42
C GLU C 3 -1.65 -28.76 2.09
N GLN C 4 -2.53 -29.43 1.33
CA GLN C 4 -2.16 -29.99 0.04
C GLN C 4 -3.28 -29.78 -0.95
N ASP C 5 -2.95 -29.22 -2.13
CA ASP C 5 -3.91 -28.96 -3.19
C ASP C 5 -3.30 -29.28 -4.56
N LYS C 6 -4.11 -29.83 -5.47
CA LYS C 6 -3.63 -30.19 -6.80
C LYS C 6 -3.89 -29.10 -7.83
N TYR C 7 -5.03 -28.42 -7.70
CA TYR C 7 -5.41 -27.41 -8.67
C TYR C 7 -5.65 -26.06 -8.02
N ARG C 8 -5.65 -25.04 -8.84
CA ARG C 8 -5.97 -23.69 -8.40
C ARG C 8 -7.43 -23.65 -7.98
N THR C 9 -7.75 -22.74 -7.07
CA THR C 9 -9.14 -22.47 -6.76
C THR C 9 -9.65 -21.57 -7.93
N ILE C 10 -10.96 -21.43 -8.03
CA ILE C 10 -11.57 -20.57 -9.03
C ILE C 10 -11.28 -19.09 -8.69
N THR C 11 -11.34 -18.73 -7.41
CA THR C 11 -11.13 -17.34 -6.99
C THR C 11 -9.68 -16.92 -6.84
N GLY C 12 -8.73 -17.83 -6.87
CA GLY C 12 -7.34 -17.49 -6.67
C GLY C 12 -6.92 -17.50 -5.20
N MET C 13 -7.88 -17.72 -4.28
CA MET C 13 -7.65 -17.85 -2.84
C MET C 13 -6.70 -19.05 -2.61
N CYS C 14 -5.80 -18.95 -1.61
CA CYS C 14 -4.88 -20.01 -1.22
C CYS C 14 -3.68 -20.20 -2.14
N ASN C 15 -3.52 -19.37 -3.17
CA ASN C 15 -2.33 -19.43 -4.00
C ASN C 15 -1.13 -19.00 -3.16
N ASN C 16 -1.27 -17.88 -2.41
CA ASN C 16 -0.22 -17.46 -1.50
C ASN C 16 -0.64 -17.94 -0.11
N ARG C 17 0.01 -18.96 0.45
CA ARG C 17 -0.40 -19.51 1.76
C ARG C 17 -0.24 -18.56 2.94
N ARG C 18 0.79 -17.69 2.93
CA ARG C 18 1.01 -16.73 4.02
C ARG C 18 0.00 -15.56 3.97
N SER C 19 -0.39 -15.11 2.78
CA SER C 19 -1.42 -14.06 2.64
C SER C 19 -2.43 -14.55 1.60
N PRO C 20 -3.39 -15.40 2.03
CA PRO C 20 -4.23 -16.13 1.07
C PRO C 20 -5.18 -15.37 0.14
N THR C 21 -5.42 -14.06 0.31
CA THR C 21 -6.25 -13.33 -0.65
C THR C 21 -5.39 -12.71 -1.78
N LEU C 22 -4.05 -12.77 -1.69
CA LEU C 22 -3.21 -12.13 -2.72
C LEU C 22 -3.45 -12.75 -4.10
N GLY C 23 -3.91 -11.94 -5.02
CA GLY C 23 -4.21 -12.42 -6.37
C GLY C 23 -5.61 -12.95 -6.55
N ALA C 24 -6.35 -13.11 -5.44
CA ALA C 24 -7.71 -13.58 -5.44
C ALA C 24 -8.66 -12.48 -5.92
N SER C 25 -9.81 -12.88 -6.45
CA SER C 25 -10.81 -11.97 -7.01
C SER C 25 -11.62 -11.20 -5.97
N ASN C 26 -12.17 -10.06 -6.39
CA ASN C 26 -13.00 -9.17 -5.58
C ASN C 26 -12.26 -8.62 -4.35
N ARG C 27 -11.02 -8.19 -4.58
CA ARG C 27 -10.18 -7.58 -3.56
C ARG C 27 -9.66 -6.25 -4.13
N ALA C 28 -9.22 -5.35 -3.25
CA ALA C 28 -8.70 -4.05 -3.65
C ALA C 28 -7.38 -4.20 -4.40
N PHE C 29 -7.16 -3.33 -5.42
CA PHE C 29 -5.88 -3.35 -6.13
C PHE C 29 -4.75 -2.99 -5.18
N VAL C 30 -3.51 -3.45 -5.47
CA VAL C 30 -2.37 -2.96 -4.70
C VAL C 30 -2.01 -1.59 -5.35
N ARG C 31 -1.37 -0.70 -4.60
CA ARG C 31 -0.92 0.59 -5.11
C ARG C 31 0.58 0.63 -5.06
N TRP C 32 1.21 1.06 -6.15
CA TRP C 32 2.67 1.23 -6.14
C TRP C 32 3.10 2.65 -5.74
N LEU C 33 2.17 3.60 -5.77
CA LEU C 33 2.36 4.98 -5.37
C LEU C 33 1.08 5.44 -4.68
N PRO C 34 1.16 6.32 -3.68
CA PRO C 34 -0.06 6.84 -3.06
C PRO C 34 -0.96 7.55 -4.06
N ALA C 35 -2.27 7.45 -3.86
CA ALA C 35 -3.25 8.08 -4.74
C ALA C 35 -3.21 9.61 -4.61
N GLU C 36 -3.60 10.30 -5.68
CA GLU C 36 -3.66 11.73 -5.81
C GLU C 36 -5.07 12.15 -6.15
N TYR C 37 -5.77 12.62 -5.15
CA TYR C 37 -7.14 13.10 -5.23
C TYR C 37 -7.15 14.55 -4.81
N GLU C 38 -8.14 15.31 -5.34
CA GLU C 38 -8.40 16.72 -5.08
C GLU C 38 -8.44 17.02 -3.60
N ASP C 39 -9.21 16.24 -2.85
CA ASP C 39 -9.32 16.41 -1.40
C ASP C 39 -8.37 15.50 -0.59
N GLY C 40 -7.45 14.81 -1.26
CA GLY C 40 -6.51 13.90 -0.64
C GLY C 40 -6.96 12.47 -0.48
N PHE C 41 -8.27 12.21 -0.48
CA PHE C 41 -8.75 10.86 -0.20
C PHE C 41 -9.86 10.31 -1.10
N SER C 42 -10.55 11.15 -1.90
CA SER C 42 -11.72 10.68 -2.63
C SER C 42 -12.06 11.33 -3.98
N LEU C 43 -12.07 12.66 -4.06
CA LEU C 43 -12.46 13.35 -5.28
C LEU C 43 -11.40 13.35 -6.36
N PRO C 44 -11.74 12.96 -7.58
CA PRO C 44 -10.75 12.97 -8.66
C PRO C 44 -10.41 14.38 -9.13
N TYR C 45 -9.20 14.57 -9.68
CA TYR C 45 -8.85 15.85 -10.28
C TYR C 45 -9.76 16.09 -11.50
N GLY C 46 -10.31 17.29 -11.57
CA GLY C 46 -11.28 17.67 -12.57
C GLY C 46 -12.68 17.79 -11.99
N TRP C 47 -12.90 17.33 -10.74
CA TRP C 47 -14.20 17.34 -10.08
C TRP C 47 -14.76 18.74 -9.81
N THR C 48 -14.00 19.58 -9.12
CA THR C 48 -14.43 20.91 -8.72
C THR C 48 -13.89 21.95 -9.66
N PRO C 49 -14.77 22.78 -10.23
CA PRO C 49 -14.31 23.83 -11.15
C PRO C 49 -13.41 24.82 -10.43
N GLY C 50 -12.28 25.16 -11.03
CA GLY C 50 -11.35 26.11 -10.42
C GLY C 50 -10.25 25.50 -9.60
N VAL C 51 -10.38 24.23 -9.18
CA VAL C 51 -9.34 23.60 -8.37
C VAL C 51 -8.20 23.08 -9.26
N LYS C 52 -7.01 23.72 -9.13
CA LYS C 52 -5.86 23.36 -9.95
C LYS C 52 -5.15 22.09 -9.42
N ARG C 53 -4.44 21.41 -10.31
CA ARG C 53 -3.64 20.26 -9.94
C ARG C 53 -2.17 20.71 -9.99
N ASN C 54 -1.47 20.72 -8.83
CA ASN C 54 -0.06 21.07 -8.76
C ASN C 54 0.28 22.39 -9.48
N GLY C 55 -0.51 23.43 -9.25
CA GLY C 55 -0.28 24.74 -9.83
C GLY C 55 -0.87 25.01 -11.20
N PHE C 56 -1.51 24.00 -11.84
CA PHE C 56 -2.04 24.18 -13.20
C PHE C 56 -3.49 23.72 -13.38
N PRO C 57 -4.26 24.38 -14.26
CA PRO C 57 -5.64 23.93 -14.50
C PRO C 57 -5.70 22.49 -15.00
N VAL C 58 -6.73 21.75 -14.59
CA VAL C 58 -6.91 20.36 -15.02
C VAL C 58 -7.45 20.40 -16.44
N ALA C 59 -6.81 19.68 -17.38
CA ALA C 59 -7.27 19.69 -18.77
C ALA C 59 -8.37 18.66 -18.93
N LEU C 60 -9.45 19.01 -19.65
CA LEU C 60 -10.55 18.09 -19.92
C LEU C 60 -10.00 16.91 -20.73
N ALA C 61 -10.29 15.66 -20.32
CA ALA C 61 -9.80 14.47 -21.02
C ALA C 61 -10.18 14.49 -22.51
N ARG C 62 -11.37 15.02 -22.83
CA ARG C 62 -11.84 15.13 -24.21
C ARG C 62 -10.97 16.12 -24.99
N ALA C 63 -10.58 17.23 -24.36
CA ALA C 63 -9.72 18.22 -25.03
C ALA C 63 -8.31 17.65 -25.29
N VAL C 64 -7.78 16.85 -24.38
CA VAL C 64 -6.47 16.21 -24.59
C VAL C 64 -6.56 15.23 -25.78
N SER C 65 -7.66 14.46 -25.83
CA SER C 65 -7.93 13.54 -26.91
C SER C 65 -8.05 14.24 -28.27
N ASN C 66 -8.78 15.37 -28.33
CA ASN C 66 -8.96 16.13 -29.58
C ASN C 66 -7.65 16.73 -30.07
N GLU C 67 -6.80 17.26 -29.16
CA GLU C 67 -5.59 17.94 -29.57
C GLU C 67 -4.35 17.06 -29.77
N ILE C 68 -4.33 15.86 -29.18
CA ILE C 68 -3.15 14.99 -29.25
C ILE C 68 -3.44 13.65 -29.89
N VAL C 69 -4.55 13.01 -29.51
CA VAL C 69 -4.88 11.67 -30.00
C VAL C 69 -5.44 11.66 -31.41
N ARG C 70 -6.30 12.63 -31.73
CA ARG C 70 -6.96 12.74 -33.02
C ARG C 70 -6.01 12.74 -34.22
N PHE C 71 -6.31 11.91 -35.23
CA PHE C 71 -5.52 11.88 -36.46
C PHE C 71 -6.39 11.43 -37.66
N PRO C 72 -6.03 11.83 -38.91
CA PRO C 72 -6.84 11.41 -40.06
C PRO C 72 -6.67 9.91 -40.34
N THR C 73 -7.79 9.17 -40.33
CA THR C 73 -7.89 7.71 -40.52
C THR C 73 -7.10 7.17 -41.73
N ASP C 74 -7.13 7.88 -42.87
CA ASP C 74 -6.41 7.49 -44.10
C ASP C 74 -4.89 7.48 -43.92
N GLN C 75 -4.36 8.22 -42.92
CA GLN C 75 -2.92 8.29 -42.68
C GLN C 75 -2.39 7.20 -41.75
N LEU C 76 -3.22 6.21 -41.40
CA LEU C 76 -2.86 5.07 -40.53
C LEU C 76 -1.62 4.36 -41.07
N THR C 77 -0.69 4.02 -40.18
CA THR C 77 0.53 3.33 -40.57
C THR C 77 0.43 1.87 -40.15
N PRO C 78 0.38 0.95 -41.12
CA PRO C 78 0.33 -0.47 -40.75
C PRO C 78 1.65 -0.93 -40.14
N ASP C 79 1.60 -1.80 -39.13
CA ASP C 79 2.80 -2.28 -38.48
C ASP C 79 3.35 -3.39 -39.33
N GLN C 80 4.54 -3.20 -39.89
CA GLN C 80 5.17 -4.20 -40.74
C GLN C 80 5.62 -5.45 -39.99
N GLU C 81 5.76 -5.36 -38.66
CA GLU C 81 6.21 -6.49 -37.86
C GLU C 81 5.24 -6.99 -36.82
N ARG C 82 3.96 -6.62 -36.91
CA ARG C 82 2.94 -7.10 -35.95
C ARG C 82 1.61 -7.40 -36.65
N SER C 83 0.96 -8.52 -36.27
CA SER C 83 -0.35 -8.88 -36.79
C SER C 83 -1.47 -8.29 -35.90
N LEU C 84 -2.70 -8.22 -36.41
CA LEU C 84 -3.84 -7.76 -35.60
C LEU C 84 -4.12 -8.70 -34.40
N MET C 85 -3.62 -9.96 -34.49
CA MET C 85 -3.68 -10.95 -33.43
C MET C 85 -2.86 -10.47 -32.22
N PHE C 86 -1.81 -9.64 -32.44
CA PHE C 86 -0.99 -9.04 -31.39
C PHE C 86 -1.86 -8.11 -30.53
N MET C 87 -2.72 -7.31 -31.18
CA MET C 87 -3.65 -6.44 -30.46
C MET C 87 -4.66 -7.32 -29.69
N GLN C 88 -5.29 -8.30 -30.39
CA GLN C 88 -6.36 -9.13 -29.84
C GLN C 88 -5.95 -10.00 -28.68
N TRP C 89 -4.75 -10.59 -28.74
CA TRP C 89 -4.26 -11.37 -27.60
C TRP C 89 -4.08 -10.47 -26.37
N GLY C 90 -3.68 -9.22 -26.58
CA GLY C 90 -3.53 -8.26 -25.49
C GLY C 90 -4.82 -8.01 -24.75
N GLN C 91 -5.92 -7.80 -25.48
CA GLN C 91 -7.23 -7.56 -24.86
C GLN C 91 -7.71 -8.82 -24.13
N LEU C 92 -7.56 -10.01 -24.75
CA LEU C 92 -7.96 -11.29 -24.16
C LEU C 92 -7.17 -11.54 -22.86
N LEU C 93 -5.85 -11.25 -22.87
CA LEU C 93 -4.93 -11.37 -21.73
C LEU C 93 -5.31 -10.38 -20.62
N ASP C 94 -5.61 -9.14 -20.98
CA ASP C 94 -6.08 -8.12 -20.05
C ASP C 94 -7.32 -8.61 -19.27
N HIS C 95 -8.20 -9.33 -19.97
CA HIS C 95 -9.44 -9.88 -19.43
C HIS C 95 -9.23 -11.13 -18.53
N ASP C 96 -8.00 -11.65 -18.46
CA ASP C 96 -7.57 -12.69 -17.53
C ASP C 96 -7.06 -11.99 -16.24
N LEU C 97 -6.62 -10.71 -16.33
CA LEU C 97 -5.95 -9.99 -15.25
C LEU C 97 -6.82 -9.06 -14.42
N ASP C 98 -7.57 -8.13 -15.06
CA ASP C 98 -8.33 -7.15 -14.31
C ASP C 98 -9.64 -6.74 -14.94
N PHE C 99 -10.63 -6.48 -14.08
CA PHE C 99 -11.93 -5.92 -14.42
C PHE C 99 -12.29 -5.07 -13.21
N THR C 100 -12.43 -3.77 -13.41
CA THR C 100 -12.73 -2.84 -12.33
C THR C 100 -14.21 -2.55 -12.37
N PRO C 101 -14.99 -3.08 -11.42
CA PRO C 101 -16.44 -2.84 -11.47
C PRO C 101 -16.86 -1.40 -11.17
N GLU C 102 -17.99 -1.03 -11.75
CA GLU C 102 -18.69 0.25 -11.69
C GLU C 102 -20.11 -0.05 -11.15
N PRO C 103 -20.80 0.95 -10.56
CA PRO C 103 -22.18 0.71 -10.06
C PRO C 103 -23.21 0.31 -11.12
N VAL D 1 -28.83 10.38 -9.52
CA VAL D 1 -28.93 10.53 -10.97
C VAL D 1 -28.46 9.28 -11.71
N ASN D 2 -28.92 9.14 -12.97
CA ASN D 2 -28.52 8.05 -13.85
C ASN D 2 -27.38 8.62 -14.64
N CYS D 3 -26.20 8.00 -14.55
CA CYS D 3 -25.00 8.44 -15.25
C CYS D 3 -25.09 8.28 -16.75
N GLU D 4 -26.01 7.42 -17.26
CA GLU D 4 -26.10 7.20 -18.70
C GLU D 4 -26.78 8.31 -19.45
N THR D 5 -27.66 9.05 -18.79
CA THR D 5 -28.42 10.11 -19.43
C THR D 5 -28.25 11.48 -18.82
N SER D 6 -27.82 11.54 -17.55
CA SER D 6 -27.64 12.84 -16.89
C SER D 6 -26.21 13.37 -17.09
N CYS D 7 -26.09 14.70 -17.09
CA CYS D 7 -24.80 15.41 -17.15
C CYS D 7 -24.43 16.05 -15.81
N VAL D 8 -25.29 15.91 -14.78
CA VAL D 8 -25.07 16.44 -13.46
C VAL D 8 -23.97 15.66 -12.79
N GLN D 9 -23.02 16.37 -12.18
CA GLN D 9 -21.94 15.72 -11.47
C GLN D 9 -22.38 15.43 -10.04
N GLN D 10 -22.92 14.24 -9.82
CA GLN D 10 -23.38 13.77 -8.52
C GLN D 10 -22.94 12.32 -8.43
N PRO D 11 -22.44 11.87 -7.26
CA PRO D 11 -22.02 10.46 -7.15
C PRO D 11 -23.12 9.47 -7.56
N PRO D 12 -22.76 8.39 -8.27
CA PRO D 12 -21.41 7.96 -8.64
C PRO D 12 -20.98 8.40 -10.04
N CYS D 13 -21.57 9.47 -10.59
CA CYS D 13 -21.22 9.93 -11.92
C CYS D 13 -20.05 10.88 -11.92
N PHE D 14 -19.18 10.75 -12.92
CA PHE D 14 -18.08 11.69 -13.15
C PHE D 14 -18.06 11.97 -14.67
N PRO D 15 -19.13 12.60 -15.21
CA PRO D 15 -19.19 12.82 -16.67
C PRO D 15 -18.06 13.66 -17.24
N LEU D 16 -17.64 13.33 -18.48
CA LEU D 16 -16.58 14.07 -19.16
C LEU D 16 -17.21 15.30 -19.79
N LYS D 17 -16.72 16.49 -19.44
CA LYS D 17 -17.26 17.72 -19.99
C LYS D 17 -16.77 17.96 -21.43
N ILE D 18 -17.50 18.79 -22.17
CA ILE D 18 -17.24 19.08 -23.57
C ILE D 18 -16.51 20.42 -23.79
N PRO D 19 -15.34 20.37 -24.44
CA PRO D 19 -14.60 21.63 -24.70
C PRO D 19 -15.23 22.42 -25.83
N PRO D 20 -14.94 23.75 -25.89
CA PRO D 20 -15.49 24.55 -26.99
C PRO D 20 -14.95 24.10 -28.34
N ASN D 21 -15.75 24.25 -29.41
CA ASN D 21 -15.36 23.89 -30.77
C ASN D 21 -14.93 22.40 -30.89
N ASP D 22 -15.65 21.50 -30.21
CA ASP D 22 -15.35 20.07 -30.31
C ASP D 22 -15.68 19.62 -31.74
N PRO D 23 -14.86 18.74 -32.34
CA PRO D 23 -15.15 18.29 -33.71
C PRO D 23 -16.43 17.48 -33.90
N ARG D 24 -17.01 16.93 -32.83
CA ARG D 24 -18.20 16.10 -32.93
C ARG D 24 -19.37 16.59 -32.06
N ILE D 25 -19.14 16.81 -30.76
CA ILE D 25 -20.20 17.22 -29.82
C ILE D 25 -20.25 18.74 -29.73
N LYS D 26 -21.15 19.36 -30.49
CA LYS D 26 -21.30 20.82 -30.55
C LYS D 26 -22.05 21.41 -29.34
N ASN D 27 -22.88 20.59 -28.69
CA ASN D 27 -23.66 21.05 -27.54
C ASN D 27 -22.77 20.91 -26.30
N GLN D 28 -22.38 22.04 -25.71
CA GLN D 28 -21.51 22.01 -24.53
C GLN D 28 -22.25 21.67 -23.24
N ALA D 29 -23.60 21.70 -23.23
CA ALA D 29 -24.36 21.25 -22.07
C ALA D 29 -24.46 19.71 -22.03
N ASP D 30 -24.10 19.02 -23.14
CA ASP D 30 -24.04 17.56 -23.23
C ASP D 30 -22.72 17.08 -22.55
N CYS D 31 -22.40 15.79 -22.60
CA CYS D 31 -21.23 15.22 -21.95
C CYS D 31 -20.98 13.79 -22.45
N ILE D 32 -19.85 13.20 -22.08
CA ILE D 32 -19.59 11.81 -22.34
C ILE D 32 -19.85 11.08 -21.01
N PRO D 33 -20.81 10.14 -20.98
CA PRO D 33 -21.15 9.46 -19.71
C PRO D 33 -19.98 8.73 -19.06
N PHE D 34 -19.96 8.69 -17.73
CA PHE D 34 -18.91 8.02 -16.97
C PHE D 34 -19.37 7.70 -15.55
N PHE D 35 -19.22 6.44 -15.15
CA PHE D 35 -19.49 5.97 -13.80
C PHE D 35 -18.14 5.82 -13.11
N ARG D 36 -18.02 6.30 -11.87
CA ARG D 36 -16.82 6.12 -11.09
C ARG D 36 -16.73 4.62 -10.72
N SER D 37 -15.52 4.06 -10.71
CA SER D 37 -15.33 2.66 -10.29
C SER D 37 -15.75 2.51 -8.83
N PRO D 39 -15.79 1.87 -4.98
CA PRO D 39 -14.72 1.97 -3.97
C PRO D 39 -14.56 0.67 -3.17
N ALA D 40 -13.34 0.33 -2.78
CA ALA D 40 -13.07 -0.86 -1.96
C ALA D 40 -13.69 -0.71 -0.55
N CYS D 41 -13.72 0.51 -0.02
CA CYS D 41 -14.31 0.80 1.26
C CYS D 41 -15.36 1.91 1.09
N PRO D 42 -16.60 1.54 0.71
CA PRO D 42 -17.61 2.58 0.45
C PRO D 42 -18.00 3.45 1.66
N GLY D 43 -18.15 4.73 1.36
CA GLY D 43 -18.53 5.78 2.31
C GLY D 43 -17.47 6.18 3.31
N SER D 44 -16.22 5.70 3.17
CA SER D 44 -15.16 6.01 4.14
C SER D 44 -14.55 7.39 4.10
N ASN D 45 -14.23 7.86 5.30
CA ASN D 45 -13.58 9.13 5.58
C ASN D 45 -12.29 8.89 6.40
N ILE D 46 -11.65 7.67 6.24
CA ILE D 46 -10.44 7.24 6.95
C ILE D 46 -9.46 6.68 5.93
N THR D 47 -9.97 5.82 5.02
CA THR D 47 -9.10 5.20 4.04
C THR D 47 -9.02 6.05 2.77
N ILE D 48 -7.89 6.00 2.08
CA ILE D 48 -7.75 6.72 0.82
C ILE D 48 -8.43 5.82 -0.21
N ARG D 49 -9.39 6.38 -0.97
CA ARG D 49 -10.17 5.63 -1.95
C ARG D 49 -9.32 4.80 -2.91
N ASN D 50 -9.71 3.53 -3.04
CA ASN D 50 -9.05 2.57 -3.92
C ASN D 50 -10.17 1.77 -4.65
N GLN D 51 -9.79 1.04 -5.68
CA GLN D 51 -10.74 0.32 -6.53
C GLN D 51 -10.56 -1.20 -6.41
N ILE D 52 -11.50 -1.96 -6.99
CA ILE D 52 -11.55 -3.42 -6.87
C ILE D 52 -11.21 -4.15 -8.14
N ASN D 53 -10.50 -5.30 -8.01
CA ASN D 53 -10.27 -6.17 -9.13
C ASN D 53 -11.26 -7.32 -8.97
N ALA D 54 -12.22 -7.46 -9.89
CA ALA D 54 -13.20 -8.53 -9.84
C ALA D 54 -12.64 -9.88 -10.31
N LEU D 55 -11.42 -9.89 -10.90
CA LEU D 55 -10.81 -11.10 -11.46
C LEU D 55 -9.60 -11.58 -10.68
N THR D 56 -9.19 -12.84 -10.91
CA THR D 56 -7.97 -13.36 -10.30
C THR D 56 -6.83 -12.69 -11.09
N SER D 57 -5.78 -12.23 -10.40
CA SER D 57 -4.68 -11.59 -11.10
C SER D 57 -3.84 -12.58 -11.90
N PHE D 58 -3.82 -13.84 -11.49
CA PHE D 58 -3.03 -14.89 -12.12
C PHE D 58 -3.41 -15.11 -13.57
N VAL D 59 -2.44 -15.54 -14.35
CA VAL D 59 -2.67 -15.90 -15.74
C VAL D 59 -3.11 -17.38 -15.64
N ASP D 60 -4.39 -17.58 -15.34
CA ASP D 60 -5.01 -18.88 -15.11
C ASP D 60 -6.22 -19.16 -16.02
N ALA D 61 -6.35 -18.42 -17.12
CA ALA D 61 -7.47 -18.49 -18.04
C ALA D 61 -8.79 -18.23 -17.33
N SER D 62 -8.78 -17.29 -16.36
CA SER D 62 -10.01 -16.94 -15.68
C SER D 62 -11.02 -16.30 -16.67
N MET D 63 -10.56 -15.79 -17.85
CA MET D 63 -11.51 -15.29 -18.88
C MET D 63 -12.29 -16.45 -19.56
N VAL D 64 -11.83 -17.71 -19.40
CA VAL D 64 -12.53 -18.88 -19.87
C VAL D 64 -13.33 -19.52 -18.71
N TYR D 65 -12.69 -19.72 -17.56
CA TYR D 65 -13.27 -20.48 -16.46
C TYR D 65 -14.10 -19.73 -15.44
N GLY D 66 -13.95 -18.42 -15.36
CA GLY D 66 -14.64 -17.62 -14.37
C GLY D 66 -13.74 -17.36 -13.17
N SER D 67 -14.03 -16.32 -12.37
CA SER D 67 -13.26 -15.96 -11.17
C SER D 67 -14.08 -16.12 -9.85
N GLU D 68 -15.35 -16.54 -9.96
CA GLU D 68 -16.26 -16.77 -8.84
C GLU D 68 -16.93 -18.15 -9.06
N GLU D 69 -17.05 -18.95 -7.99
CA GLU D 69 -17.57 -20.31 -8.04
C GLU D 69 -18.96 -20.47 -8.66
N PRO D 70 -20.00 -19.66 -8.35
CA PRO D 70 -21.31 -19.87 -8.98
C PRO D 70 -21.24 -19.77 -10.51
N LEU D 71 -20.58 -18.72 -11.06
CA LEU D 71 -20.39 -18.55 -12.50
C LEU D 71 -19.62 -19.73 -13.08
N ALA D 72 -18.54 -20.15 -12.43
CA ALA D 72 -17.73 -21.25 -12.91
C ALA D 72 -18.53 -22.57 -13.01
N ARG D 73 -19.49 -22.81 -12.12
CA ARG D 73 -20.35 -24.01 -12.20
C ARG D 73 -21.33 -23.86 -13.36
N ASN D 74 -21.94 -22.68 -13.50
CA ASN D 74 -22.88 -22.42 -14.60
C ASN D 74 -22.20 -22.48 -15.96
N LEU D 75 -20.87 -22.29 -16.03
CA LEU D 75 -20.14 -22.38 -17.28
C LEU D 75 -19.87 -23.83 -17.71
N ARG D 76 -19.95 -24.77 -16.75
CA ARG D 76 -19.68 -26.19 -16.97
C ARG D 76 -20.91 -26.97 -17.44
N ASN D 77 -20.67 -28.04 -18.21
CA ASN D 77 -21.74 -28.93 -18.68
C ASN D 77 -21.88 -29.95 -17.55
N MET D 78 -22.89 -29.76 -16.69
CA MET D 78 -23.08 -30.66 -15.55
C MET D 78 -23.94 -31.89 -15.86
N SER D 79 -24.43 -32.05 -17.11
CA SER D 79 -25.31 -33.16 -17.53
C SER D 79 -24.63 -34.53 -17.62
N ASN D 80 -23.30 -34.58 -17.52
CA ASN D 80 -22.57 -35.85 -17.63
C ASN D 80 -21.19 -35.75 -16.94
N GLN D 81 -20.38 -36.82 -16.99
CA GLN D 81 -19.06 -36.84 -16.37
C GLN D 81 -17.93 -36.62 -17.38
N LEU D 82 -18.14 -35.74 -18.39
CA LEU D 82 -17.10 -35.53 -19.41
C LEU D 82 -16.20 -34.29 -19.18
N GLY D 83 -16.44 -33.55 -18.10
CA GLY D 83 -15.64 -32.39 -17.76
C GLY D 83 -15.65 -31.28 -18.78
N LEU D 84 -16.73 -31.20 -19.57
CA LEU D 84 -16.85 -30.19 -20.62
C LEU D 84 -17.38 -28.85 -20.09
N LEU D 85 -17.12 -27.80 -20.89
CA LEU D 85 -17.65 -26.48 -20.70
C LEU D 85 -18.96 -26.47 -21.52
N ALA D 86 -20.03 -25.86 -20.99
CA ALA D 86 -21.31 -25.80 -21.69
C ALA D 86 -21.20 -25.02 -23.01
N VAL D 87 -21.93 -25.47 -24.04
CA VAL D 87 -21.91 -24.84 -25.35
C VAL D 87 -23.31 -24.36 -25.76
N ASN D 88 -23.38 -23.45 -26.75
CA ASN D 88 -24.64 -22.91 -27.24
C ASN D 88 -25.56 -24.04 -27.78
N GLN D 89 -26.80 -24.13 -27.26
CA GLN D 89 -27.73 -25.17 -27.74
C GLN D 89 -28.66 -24.70 -28.88
N ARG D 90 -28.53 -23.44 -29.32
CA ARG D 90 -29.37 -22.93 -30.42
C ARG D 90 -28.57 -22.87 -31.72
N PHE D 91 -27.27 -22.51 -31.65
CA PHE D 91 -26.47 -22.38 -32.88
C PHE D 91 -25.12 -23.08 -32.81
N GLN D 92 -24.58 -23.42 -33.99
CA GLN D 92 -23.27 -24.03 -34.19
C GLN D 92 -22.56 -23.31 -35.33
N ASP D 93 -21.22 -23.28 -35.28
CA ASP D 93 -20.39 -22.64 -36.30
C ASP D 93 -19.84 -23.75 -37.21
N ASN D 94 -20.59 -24.10 -38.27
CA ASN D 94 -20.22 -25.15 -39.22
C ASN D 94 -19.98 -26.49 -38.50
N GLY D 95 -20.87 -26.83 -37.57
CA GLY D 95 -20.77 -28.05 -36.79
C GLY D 95 -19.94 -27.92 -35.51
N ARG D 96 -19.21 -26.82 -35.37
CA ARG D 96 -18.37 -26.55 -34.21
C ARG D 96 -19.05 -25.69 -33.15
N ALA D 97 -18.66 -25.85 -31.89
CA ALA D 97 -19.28 -25.16 -30.77
C ALA D 97 -19.14 -23.62 -30.73
N LEU D 98 -20.19 -22.98 -30.24
CA LEU D 98 -20.26 -21.56 -30.00
C LEU D 98 -20.51 -21.39 -28.48
N LEU D 99 -20.13 -20.24 -27.92
CA LEU D 99 -20.34 -19.96 -26.50
C LEU D 99 -21.83 -19.95 -26.19
N PRO D 100 -22.23 -20.36 -24.97
CA PRO D 100 -23.66 -20.23 -24.61
C PRO D 100 -24.11 -18.76 -24.61
N PHE D 101 -25.42 -18.52 -24.71
CA PHE D 101 -25.96 -17.17 -24.63
C PHE D 101 -26.16 -16.78 -23.17
N ASP D 102 -25.97 -15.51 -22.87
CA ASP D 102 -26.17 -15.00 -21.53
C ASP D 102 -27.63 -14.51 -21.36
N ASN D 103 -28.08 -14.33 -20.11
CA ASN D 103 -29.43 -13.85 -19.83
C ASN D 103 -29.31 -12.48 -19.17
N LEU D 104 -29.04 -11.44 -19.98
CA LEU D 104 -28.84 -10.09 -19.48
C LEU D 104 -30.16 -9.30 -19.47
N HIS D 105 -30.37 -8.47 -18.44
CA HIS D 105 -31.58 -7.66 -18.29
C HIS D 105 -31.85 -6.74 -19.52
N ASP D 106 -30.95 -5.81 -19.86
CA ASP D 106 -31.15 -4.97 -21.07
C ASP D 106 -29.91 -5.22 -21.90
N ASP D 107 -29.94 -6.33 -22.64
CA ASP D 107 -28.84 -6.85 -23.45
C ASP D 107 -28.41 -5.88 -24.56
N PRO D 108 -27.13 -5.45 -24.54
CA PRO D 108 -26.68 -4.50 -25.57
C PRO D 108 -26.45 -5.13 -26.94
N CYS D 109 -26.18 -6.44 -27.00
CA CYS D 109 -26.01 -7.14 -28.27
C CYS D 109 -27.30 -7.18 -29.11
N LEU D 110 -28.47 -7.17 -28.45
CA LEU D 110 -29.76 -7.16 -29.17
C LEU D 110 -29.99 -5.81 -29.89
N LEU D 111 -29.32 -4.73 -29.42
CA LEU D 111 -29.46 -3.39 -29.98
C LEU D 111 -28.71 -3.23 -31.31
N THR D 112 -27.64 -4.01 -31.53
CA THR D 112 -26.83 -3.90 -32.74
C THR D 112 -27.55 -4.36 -34.01
N ASN D 113 -28.46 -5.32 -33.91
CA ASN D 113 -29.26 -5.77 -35.06
C ASN D 113 -30.61 -6.10 -34.46
N ARG D 114 -31.54 -5.14 -34.49
CA ARG D 114 -32.86 -5.31 -33.88
C ARG D 114 -33.63 -6.54 -34.35
N SER D 115 -33.61 -6.83 -35.66
CA SER D 115 -34.32 -7.99 -36.20
C SER D 115 -33.62 -9.34 -36.01
N ALA D 116 -32.28 -9.37 -35.82
CA ALA D 116 -31.57 -10.65 -35.66
C ALA D 116 -31.90 -11.35 -34.34
N ARG D 117 -32.04 -10.59 -33.25
CA ARG D 117 -32.36 -11.12 -31.93
C ARG D 117 -31.29 -12.07 -31.39
N ILE D 118 -30.02 -11.68 -31.52
CA ILE D 118 -28.93 -12.49 -31.03
C ILE D 118 -28.38 -11.81 -29.78
N PRO D 119 -28.54 -12.46 -28.61
CA PRO D 119 -28.06 -11.85 -27.37
C PRO D 119 -26.54 -12.00 -27.17
N CYS D 120 -26.01 -11.41 -26.07
CA CYS D 120 -24.60 -11.50 -25.71
C CYS D 120 -24.24 -12.94 -25.35
N PHE D 121 -22.98 -13.30 -25.54
CA PHE D 121 -22.47 -14.60 -25.14
C PHE D 121 -22.08 -14.58 -23.64
N LEU D 122 -21.97 -15.78 -23.05
CA LEU D 122 -21.61 -15.97 -21.66
C LEU D 122 -20.27 -16.71 -21.60
N ALA D 123 -19.27 -16.10 -20.96
CA ALA D 123 -17.93 -16.67 -20.86
C ALA D 123 -17.39 -16.42 -19.41
N GLY D 124 -16.14 -16.79 -19.09
CA GLY D 124 -15.55 -16.57 -17.79
C GLY D 124 -15.46 -15.09 -17.41
N ASP D 125 -15.35 -14.21 -18.42
CA ASP D 125 -15.32 -12.78 -18.21
C ASP D 125 -16.54 -12.16 -18.91
N THR D 126 -17.19 -11.15 -18.29
CA THR D 126 -18.40 -10.50 -18.81
C THR D 126 -18.24 -9.72 -20.11
N ARG D 127 -17.03 -9.41 -20.54
CA ARG D 127 -16.83 -8.58 -21.73
C ARG D 127 -16.62 -9.37 -23.02
N SER D 128 -16.87 -10.70 -23.03
CA SER D 128 -16.60 -11.56 -24.19
C SER D 128 -17.25 -11.12 -25.52
N SER D 129 -18.40 -10.43 -25.47
CA SER D 129 -19.07 -9.99 -26.70
C SER D 129 -18.74 -8.53 -27.06
N GLU D 130 -17.66 -7.95 -26.50
CA GLU D 130 -17.34 -6.57 -26.75
C GLU D 130 -16.99 -6.31 -28.23
N MET D 131 -16.29 -7.26 -28.85
CA MET D 131 -16.01 -7.21 -30.28
C MET D 131 -15.91 -8.66 -30.77
N PRO D 132 -16.40 -8.95 -31.99
CA PRO D 132 -16.38 -10.32 -32.49
C PRO D 132 -15.01 -10.98 -32.53
N GLU D 133 -13.93 -10.17 -32.60
CA GLU D 133 -12.55 -10.65 -32.58
C GLU D 133 -12.20 -11.22 -31.20
N LEU D 134 -12.74 -10.59 -30.13
CA LEU D 134 -12.55 -11.04 -28.76
C LEU D 134 -13.39 -12.29 -28.51
N THR D 135 -14.63 -12.30 -29.02
CA THR D 135 -15.55 -13.44 -28.96
C THR D 135 -14.92 -14.63 -29.64
N SER D 136 -14.25 -14.42 -30.78
CA SER D 136 -13.57 -15.48 -31.52
C SER D 136 -12.48 -16.14 -30.68
N MET D 137 -11.71 -15.35 -29.94
CA MET D 137 -10.65 -15.86 -29.06
C MET D 137 -11.21 -16.66 -27.88
N HIS D 138 -12.32 -16.19 -27.30
CA HIS D 138 -13.03 -16.88 -26.21
C HIS D 138 -13.60 -18.20 -26.71
N THR D 139 -14.19 -18.18 -27.93
CA THR D 139 -14.80 -19.35 -28.55
C THR D 139 -13.75 -20.40 -28.89
N LEU D 140 -12.58 -19.96 -29.36
CA LEU D 140 -11.48 -20.85 -29.68
C LEU D 140 -11.01 -21.59 -28.41
N LEU D 141 -10.88 -20.88 -27.27
CA LEU D 141 -10.44 -21.50 -26.02
C LEU D 141 -11.47 -22.44 -25.38
N LEU D 142 -12.77 -22.15 -25.60
CA LEU D 142 -13.87 -23.01 -25.13
C LEU D 142 -13.75 -24.36 -25.85
N ARG D 143 -13.50 -24.32 -27.18
CA ARG D 143 -13.34 -25.52 -27.99
C ARG D 143 -12.08 -26.26 -27.59
N GLU D 144 -11.00 -25.56 -27.28
CA GLU D 144 -9.75 -26.20 -26.87
C GLU D 144 -9.93 -26.96 -25.55
N HIS D 145 -10.67 -26.38 -24.56
CA HIS D 145 -10.93 -27.10 -23.32
C HIS D 145 -11.67 -28.41 -23.56
N ASN D 146 -12.76 -28.36 -24.39
CA ASN D 146 -13.57 -29.53 -24.69
C ASN D 146 -12.82 -30.56 -25.51
N ARG D 147 -11.90 -30.10 -26.36
CA ARG D 147 -11.07 -30.98 -27.16
C ARG D 147 -10.11 -31.74 -26.23
N LEU D 148 -9.51 -31.02 -25.27
CA LEU D 148 -8.60 -31.59 -24.28
C LEU D 148 -9.29 -32.58 -23.35
N ALA D 149 -10.48 -32.23 -22.82
CA ALA D 149 -11.21 -33.16 -21.95
C ALA D 149 -11.64 -34.43 -22.70
N THR D 150 -11.96 -34.31 -24.01
CA THR D 150 -12.36 -35.45 -24.83
C THR D 150 -11.18 -36.42 -25.08
N GLU D 151 -9.98 -35.88 -25.38
CA GLU D 151 -8.78 -36.70 -25.58
C GLU D 151 -8.36 -37.35 -24.26
N LEU D 152 -8.48 -36.61 -23.14
CA LEU D 152 -8.11 -37.14 -21.82
C LEU D 152 -9.07 -38.23 -21.34
N LYS D 153 -10.34 -38.20 -21.78
CA LYS D 153 -11.34 -39.18 -21.41
C LYS D 153 -11.06 -40.52 -22.09
N SER D 154 -10.62 -40.53 -23.37
CA SER D 154 -10.27 -41.79 -24.05
C SER D 154 -8.95 -42.35 -23.51
N LEU D 155 -8.01 -41.46 -23.21
CA LEU D 155 -6.70 -41.80 -22.66
C LEU D 155 -6.82 -42.37 -21.25
N ASN D 156 -7.71 -41.78 -20.43
CA ASN D 156 -7.95 -42.21 -19.04
C ASN D 156 -9.44 -42.39 -18.79
N PRO D 157 -10.04 -43.53 -19.20
CA PRO D 157 -11.49 -43.70 -19.03
C PRO D 157 -12.05 -43.65 -17.60
N ARG D 158 -11.27 -44.05 -16.56
CA ARG D 158 -11.78 -43.99 -15.18
C ARG D 158 -11.83 -42.58 -14.59
N TRP D 159 -11.21 -41.59 -15.25
CA TRP D 159 -11.24 -40.20 -14.74
C TRP D 159 -12.66 -39.67 -14.79
N ASP D 160 -13.11 -39.01 -13.70
CA ASP D 160 -14.47 -38.46 -13.64
C ASP D 160 -14.53 -37.01 -14.16
N GLY D 161 -15.73 -36.44 -14.25
CA GLY D 161 -15.97 -35.10 -14.77
C GLY D 161 -15.17 -33.99 -14.12
N GLU D 162 -14.98 -34.07 -12.79
CA GLU D 162 -14.22 -33.06 -12.07
C GLU D 162 -12.75 -33.15 -12.45
N ARG D 163 -12.23 -34.38 -12.51
CA ARG D 163 -10.83 -34.65 -12.88
C ARG D 163 -10.57 -34.16 -14.30
N LEU D 164 -11.48 -34.50 -15.23
CA LEU D 164 -11.37 -34.10 -16.64
C LEU D 164 -11.42 -32.59 -16.82
N TYR D 165 -12.30 -31.90 -16.08
CA TYR D 165 -12.42 -30.45 -16.16
C TYR D 165 -11.16 -29.79 -15.63
N GLN D 166 -10.68 -30.24 -14.45
CA GLN D 166 -9.50 -29.66 -13.84
C GLN D 166 -8.26 -29.88 -14.65
N GLU D 167 -8.07 -31.07 -15.19
CA GLU D 167 -6.90 -31.41 -16.00
C GLU D 167 -6.89 -30.64 -17.31
N ALA D 168 -8.05 -30.48 -17.97
CA ALA D 168 -8.12 -29.69 -19.20
C ALA D 168 -7.91 -28.20 -18.89
N ARG D 169 -8.45 -27.72 -17.74
CA ARG D 169 -8.31 -26.32 -17.27
C ARG D 169 -6.84 -25.97 -17.01
N LYS D 170 -6.12 -26.90 -16.37
CA LYS D 170 -4.70 -26.74 -16.05
C LYS D 170 -3.87 -26.59 -17.33
N ILE D 171 -4.21 -27.34 -18.38
CA ILE D 171 -3.52 -27.27 -19.67
C ILE D 171 -3.80 -25.92 -20.35
N VAL D 172 -5.08 -25.51 -20.41
CA VAL D 172 -5.44 -24.24 -21.02
C VAL D 172 -4.76 -23.06 -20.31
N GLY D 173 -4.72 -23.10 -18.97
CA GLY D 173 -4.03 -22.08 -18.21
C GLY D 173 -2.55 -21.98 -18.53
N ALA D 174 -1.87 -23.14 -18.63
CA ALA D 174 -0.45 -23.18 -18.98
C ALA D 174 -0.25 -22.67 -20.42
N MET D 175 -1.19 -22.97 -21.34
CA MET D 175 -1.10 -22.47 -22.71
C MET D 175 -1.18 -20.95 -22.75
N VAL D 176 -2.07 -20.38 -21.95
CA VAL D 176 -2.20 -18.94 -21.88
C VAL D 176 -0.91 -18.31 -21.33
N GLN D 177 -0.27 -18.96 -20.33
CA GLN D 177 1.02 -18.53 -19.79
C GLN D 177 2.13 -18.58 -20.87
N ILE D 178 2.26 -19.70 -21.58
CA ILE D 178 3.27 -19.93 -22.59
C ILE D 178 3.19 -18.96 -23.73
N ILE D 179 1.99 -18.79 -24.29
CA ILE D 179 1.79 -17.86 -25.41
C ILE D 179 2.07 -16.44 -24.95
N THR D 180 1.65 -16.10 -23.73
CA THR D 180 1.86 -14.77 -23.18
C THR D 180 3.35 -14.43 -22.94
N TYR D 181 4.07 -15.28 -22.23
CA TYR D 181 5.44 -15.00 -21.85
C TYR D 181 6.49 -15.34 -22.87
N ARG D 182 6.31 -16.40 -23.67
CA ARG D 182 7.30 -16.79 -24.68
C ARG D 182 7.11 -16.00 -25.98
N ASP D 183 5.86 -15.79 -26.40
CA ASP D 183 5.58 -15.16 -27.70
C ASP D 183 5.09 -13.70 -27.66
N TYR D 184 4.17 -13.38 -26.75
CA TYR D 184 3.55 -12.05 -26.69
C TYR D 184 4.42 -10.94 -26.02
N LEU D 185 4.74 -11.06 -24.69
CA LEU D 185 5.50 -10.06 -23.91
C LEU D 185 6.84 -9.66 -24.54
N PRO D 186 7.67 -10.58 -25.07
CA PRO D 186 8.92 -10.13 -25.73
C PRO D 186 8.67 -9.13 -26.85
N LEU D 187 7.57 -9.30 -27.59
CA LEU D 187 7.24 -8.39 -28.70
C LEU D 187 6.61 -7.04 -28.23
N VAL D 188 6.16 -6.99 -26.96
CA VAL D 188 5.63 -5.77 -26.34
C VAL D 188 6.79 -4.95 -25.75
N LEU D 189 7.67 -5.61 -24.96
CA LEU D 189 8.76 -4.94 -24.26
C LEU D 189 10.03 -4.72 -25.06
N GLY D 190 10.30 -5.60 -26.02
CA GLY D 190 11.58 -5.57 -26.72
C GLY D 190 12.59 -6.38 -25.94
N PRO D 191 13.72 -6.74 -26.58
CA PRO D 191 14.70 -7.64 -25.93
C PRO D 191 15.30 -7.14 -24.63
N THR D 192 15.77 -5.88 -24.60
CA THR D 192 16.38 -5.23 -23.45
C THR D 192 15.46 -5.20 -22.22
N ALA D 193 14.23 -4.67 -22.34
CA ALA D 193 13.28 -4.62 -21.22
C ALA D 193 12.79 -6.01 -20.82
N MET D 194 12.80 -6.96 -21.75
CA MET D 194 12.42 -8.35 -21.45
C MET D 194 13.48 -8.94 -20.50
N ARG D 195 14.77 -8.70 -20.79
CA ARG D 195 15.89 -9.17 -19.99
C ARG D 195 15.87 -8.46 -18.60
N LYS D 196 15.59 -7.16 -18.60
CA LYS D 196 15.59 -6.34 -17.40
C LYS D 196 14.45 -6.69 -16.45
N TYR D 197 13.20 -6.67 -16.92
CA TYR D 197 12.04 -6.92 -16.08
C TYR D 197 11.62 -8.39 -15.98
N LEU D 198 11.98 -9.22 -16.96
CA LEU D 198 11.61 -10.63 -16.93
C LEU D 198 12.82 -11.56 -17.11
N PRO D 199 13.80 -11.53 -16.18
CA PRO D 199 14.94 -12.45 -16.31
C PRO D 199 14.49 -13.90 -16.21
N THR D 200 15.31 -14.83 -16.72
CA THR D 200 14.99 -16.27 -16.69
C THR D 200 14.30 -16.76 -15.41
N TYR D 201 13.15 -17.44 -15.53
CA TYR D 201 12.44 -17.98 -14.36
C TYR D 201 13.34 -18.88 -13.52
N ARG D 202 13.31 -18.72 -12.19
CA ARG D 202 14.11 -19.55 -11.30
C ARG D 202 13.17 -20.53 -10.57
N SER D 203 12.27 -19.99 -9.75
CA SER D 203 11.31 -20.76 -8.98
C SER D 203 10.29 -19.82 -8.31
N TYR D 204 9.19 -20.42 -7.79
CA TYR D 204 8.18 -19.69 -7.06
C TYR D 204 8.79 -19.02 -5.81
N ASN D 205 8.42 -17.79 -5.56
CA ASN D 205 8.89 -17.02 -4.43
C ASN D 205 7.62 -16.51 -3.74
N ASP D 206 7.29 -17.08 -2.54
CA ASP D 206 6.06 -16.70 -1.84
C ASP D 206 6.06 -15.30 -1.25
N SER D 207 7.18 -14.58 -1.33
CA SER D 207 7.24 -13.18 -0.88
C SER D 207 6.95 -12.19 -1.99
N VAL D 208 6.60 -12.67 -3.21
CA VAL D 208 6.30 -11.80 -4.33
C VAL D 208 4.80 -11.57 -4.33
N ASP D 209 4.39 -10.31 -4.25
CA ASP D 209 2.97 -9.94 -4.21
C ASP D 209 2.43 -10.05 -5.62
N PRO D 210 1.48 -10.97 -5.89
CA PRO D 210 0.96 -11.11 -7.27
C PRO D 210 -0.24 -10.26 -7.63
N ARG D 211 -0.67 -9.34 -6.77
CA ARG D 211 -1.84 -8.50 -7.10
C ARG D 211 -1.58 -7.58 -8.29
N ILE D 212 -2.64 -7.23 -9.03
CA ILE D 212 -2.54 -6.24 -10.11
C ILE D 212 -2.43 -4.89 -9.41
N ALA D 213 -1.49 -4.04 -9.83
CA ALA D 213 -1.39 -2.70 -9.29
C ALA D 213 -2.43 -1.85 -9.98
N ASN D 214 -2.97 -0.89 -9.27
CA ASN D 214 -3.97 0.02 -9.80
C ASN D 214 -3.49 0.68 -11.12
N VAL D 215 -2.27 1.20 -11.15
CA VAL D 215 -1.70 1.81 -12.37
C VAL D 215 -1.68 0.91 -13.60
N PHE D 216 -1.48 -0.43 -13.40
CA PHE D 216 -1.44 -1.38 -14.51
C PHE D 216 -2.77 -1.42 -15.28
N THR D 217 -3.90 -1.30 -14.60
CA THR D 217 -5.22 -1.29 -15.30
C THR D 217 -5.34 -0.16 -16.33
N ASN D 218 -4.50 0.89 -16.18
CA ASN D 218 -4.54 2.02 -17.09
C ASN D 218 -3.35 1.94 -18.05
N ALA D 219 -2.17 1.54 -17.55
CA ALA D 219 -0.98 1.41 -18.38
C ALA D 219 -1.16 0.33 -19.45
N PHE D 220 -1.83 -0.79 -19.12
CA PHE D 220 -2.03 -1.87 -20.08
C PHE D 220 -3.04 -1.50 -21.19
N ARG D 221 -3.68 -0.32 -21.10
CA ARG D 221 -4.54 0.19 -22.16
C ARG D 221 -3.69 0.77 -23.30
N TYR D 222 -2.34 0.57 -23.31
CA TYR D 222 -1.48 0.94 -24.44
C TYR D 222 -2.03 0.27 -25.74
N GLY D 223 -2.64 -0.93 -25.58
CA GLY D 223 -3.20 -1.74 -26.65
C GLY D 223 -4.21 -1.00 -27.51
N HIS D 224 -4.79 0.07 -26.98
CA HIS D 224 -5.74 0.90 -27.73
C HIS D 224 -5.07 1.56 -28.95
N THR D 225 -3.76 1.81 -28.87
CA THR D 225 -2.99 2.41 -29.97
C THR D 225 -2.75 1.41 -31.13
N LEU D 226 -3.01 0.10 -30.91
CA LEU D 226 -2.85 -0.95 -31.93
C LEU D 226 -4.14 -1.24 -32.73
N ILE D 227 -5.28 -0.71 -32.28
CA ILE D 227 -6.59 -0.99 -32.83
C ILE D 227 -6.80 -0.40 -34.23
N GLN D 228 -7.13 -1.29 -35.19
CA GLN D 228 -7.42 -0.90 -36.56
C GLN D 228 -8.88 -0.41 -36.62
N PRO D 229 -9.23 0.48 -37.56
CA PRO D 229 -10.61 0.97 -37.62
C PRO D 229 -11.65 0.01 -38.23
N PHE D 230 -11.24 -1.19 -38.68
CA PHE D 230 -12.18 -2.15 -39.24
C PHE D 230 -11.98 -3.56 -38.71
N MET D 231 -13.03 -4.39 -38.78
CA MET D 231 -12.91 -5.81 -38.51
C MET D 231 -12.70 -6.42 -39.90
N PHE D 232 -11.58 -7.09 -40.11
CA PHE D 232 -11.21 -7.68 -41.39
C PHE D 232 -11.57 -9.16 -41.45
N ARG D 233 -12.35 -9.58 -42.47
CA ARG D 233 -12.73 -10.98 -42.60
C ARG D 233 -12.23 -11.56 -43.92
N LEU D 234 -11.57 -12.73 -43.86
CA LEU D 234 -10.99 -13.36 -45.05
C LEU D 234 -11.56 -14.76 -45.25
N ASP D 235 -11.76 -15.16 -46.51
CA ASP D 235 -12.30 -16.46 -46.89
C ASP D 235 -11.24 -17.59 -46.79
N ASN D 236 -11.59 -18.84 -47.18
CA ASN D 236 -10.69 -19.99 -47.16
C ASN D 236 -9.33 -19.71 -47.83
N ARG D 237 -9.32 -18.83 -48.86
CA ARG D 237 -8.11 -18.46 -49.61
C ARG D 237 -7.43 -17.18 -49.14
N TYR D 238 -7.78 -16.68 -47.95
CA TYR D 238 -7.27 -15.46 -47.32
C TYR D 238 -7.46 -14.19 -48.16
N GLN D 239 -8.56 -14.15 -48.90
CA GLN D 239 -8.97 -13.01 -49.70
C GLN D 239 -10.18 -12.37 -49.00
N PRO D 240 -10.46 -11.07 -49.20
CA PRO D 240 -11.64 -10.45 -48.55
C PRO D 240 -12.93 -11.29 -48.65
N MET D 241 -13.58 -11.62 -47.52
CA MET D 241 -14.83 -12.40 -47.55
C MET D 241 -15.92 -11.43 -47.93
N GLU D 242 -16.76 -11.75 -48.92
CA GLU D 242 -17.71 -10.78 -49.45
C GLU D 242 -19.13 -10.58 -48.78
N PRO D 243 -19.47 -10.92 -47.49
CA PRO D 243 -20.75 -10.44 -46.94
C PRO D 243 -20.56 -8.90 -46.76
N ASN D 244 -19.54 -8.52 -45.97
CA ASN D 244 -18.99 -7.18 -45.68
C ASN D 244 -17.52 -7.46 -45.19
N PRO D 245 -16.51 -7.23 -46.04
CA PRO D 245 -15.13 -7.61 -45.68
C PRO D 245 -14.36 -6.73 -44.69
N ARG D 246 -14.60 -5.41 -44.72
CA ARG D 246 -13.95 -4.43 -43.86
C ARG D 246 -15.04 -3.66 -43.15
N VAL D 247 -15.56 -4.25 -42.07
CA VAL D 247 -16.63 -3.66 -41.31
C VAL D 247 -16.12 -2.61 -40.35
N PRO D 248 -16.69 -1.39 -40.38
CA PRO D 248 -16.28 -0.37 -39.39
C PRO D 248 -16.47 -0.87 -37.96
N LEU D 249 -15.47 -0.63 -37.09
CA LEU D 249 -15.48 -1.07 -35.69
C LEU D 249 -16.70 -0.54 -34.95
N SER D 250 -17.13 0.69 -35.26
CA SER D 250 -18.34 1.23 -34.65
C SER D 250 -19.62 0.43 -35.06
N ARG D 251 -19.49 -0.62 -35.88
CA ARG D 251 -20.58 -1.52 -36.26
C ARG D 251 -20.34 -2.96 -35.78
N VAL D 252 -19.22 -3.27 -35.08
CA VAL D 252 -18.93 -4.61 -34.54
C VAL D 252 -19.02 -4.69 -33.01
N PHE D 253 -19.07 -3.54 -32.31
CA PHE D 253 -19.14 -3.55 -30.85
C PHE D 253 -20.42 -4.25 -30.40
N PHE D 254 -20.31 -5.30 -29.57
CA PHE D 254 -21.47 -6.07 -29.10
C PHE D 254 -22.25 -6.77 -30.21
N ALA D 255 -21.73 -6.78 -31.44
CA ALA D 255 -22.41 -7.40 -32.56
C ALA D 255 -22.22 -8.92 -32.57
N SER D 256 -22.75 -9.61 -31.54
CA SER D 256 -22.73 -11.07 -31.45
C SER D 256 -23.48 -11.74 -32.61
N TRP D 257 -24.45 -11.02 -33.24
CA TRP D 257 -25.18 -11.53 -34.39
C TRP D 257 -24.25 -11.81 -35.57
N ARG D 258 -23.08 -11.12 -35.66
CA ARG D 258 -22.13 -11.32 -36.76
C ARG D 258 -21.40 -12.64 -36.65
N VAL D 259 -21.14 -13.10 -35.42
CA VAL D 259 -20.48 -14.39 -35.22
C VAL D 259 -21.48 -15.49 -35.62
N VAL D 260 -22.71 -15.40 -35.13
CA VAL D 260 -23.79 -16.39 -35.36
C VAL D 260 -24.31 -16.44 -36.80
N LEU D 261 -24.60 -15.28 -37.39
CA LEU D 261 -25.22 -15.25 -38.72
C LEU D 261 -24.29 -14.86 -39.87
N GLU D 262 -23.04 -14.43 -39.62
CA GLU D 262 -22.17 -14.00 -40.74
C GLU D 262 -20.89 -14.84 -40.94
N GLY D 263 -21.00 -16.15 -40.82
CA GLY D 263 -19.86 -17.04 -41.09
C GLY D 263 -19.01 -17.56 -39.95
N GLY D 264 -19.41 -17.33 -38.70
CA GLY D 264 -18.66 -17.85 -37.56
C GLY D 264 -17.35 -17.15 -37.24
N ILE D 265 -16.44 -17.86 -36.56
CA ILE D 265 -15.17 -17.31 -36.11
C ILE D 265 -14.02 -17.46 -37.10
N ASP D 266 -14.09 -18.40 -38.04
CA ASP D 266 -13.01 -18.62 -39.03
C ASP D 266 -12.65 -17.38 -39.84
N PRO D 267 -13.61 -16.64 -40.46
CA PRO D 267 -13.23 -15.46 -41.26
C PRO D 267 -12.53 -14.40 -40.42
N ILE D 268 -12.95 -14.26 -39.14
CA ILE D 268 -12.43 -13.34 -38.15
C ILE D 268 -11.01 -13.72 -37.71
N LEU D 269 -10.78 -14.98 -37.33
CA LEU D 269 -9.46 -15.46 -36.95
C LEU D 269 -8.47 -15.34 -38.13
N ARG D 270 -8.94 -15.53 -39.37
CA ARG D 270 -8.09 -15.38 -40.55
C ARG D 270 -7.66 -13.92 -40.73
N GLY D 271 -8.59 -13.00 -40.50
CA GLY D 271 -8.35 -11.57 -40.57
C GLY D 271 -7.38 -11.09 -39.50
N LEU D 272 -7.45 -11.65 -38.29
CA LEU D 272 -6.51 -11.26 -37.23
C LEU D 272 -5.08 -11.69 -37.60
N MET D 273 -4.92 -12.86 -38.21
CA MET D 273 -3.62 -13.42 -38.59
C MET D 273 -2.99 -12.73 -39.80
N ALA D 274 -3.79 -12.47 -40.87
CA ALA D 274 -3.24 -11.90 -42.10
C ALA D 274 -3.47 -10.40 -42.30
N THR D 275 -3.76 -9.64 -41.23
CA THR D 275 -3.88 -8.19 -41.34
C THR D 275 -2.91 -7.56 -40.35
N PRO D 276 -2.12 -6.56 -40.77
CA PRO D 276 -1.20 -5.91 -39.82
C PRO D 276 -1.92 -5.15 -38.71
N ALA D 277 -1.26 -4.98 -37.57
CA ALA D 277 -1.80 -4.18 -36.47
C ALA D 277 -1.58 -2.70 -36.83
N LYS D 278 -2.26 -1.78 -36.13
CA LYS D 278 -2.01 -0.36 -36.35
C LYS D 278 -0.72 -0.07 -35.57
N LEU D 279 0.21 0.68 -36.20
CA LEU D 279 1.43 1.08 -35.52
C LEU D 279 1.15 2.37 -34.72
N ASN D 280 1.68 2.45 -33.49
CA ASN D 280 1.54 3.64 -32.68
C ASN D 280 2.58 4.67 -33.13
N ARG D 281 2.13 5.84 -33.59
CA ARG D 281 3.01 6.93 -34.01
C ARG D 281 2.66 8.14 -33.16
N GLN D 282 3.61 9.02 -32.90
CA GLN D 282 3.38 10.20 -32.07
C GLN D 282 2.33 11.18 -32.64
N ASN D 283 2.08 11.11 -33.95
CA ASN D 283 1.03 11.91 -34.58
C ASN D 283 -0.16 11.04 -35.09
N GLN D 284 -0.21 9.75 -34.72
CA GLN D 284 -1.21 8.78 -35.12
C GLN D 284 -1.47 7.84 -33.91
N ILE D 285 -1.87 8.38 -32.77
CA ILE D 285 -2.00 7.59 -31.53
C ILE D 285 -3.20 6.60 -31.52
N ALA D 286 -4.45 7.06 -31.63
CA ALA D 286 -5.61 6.15 -31.63
C ALA D 286 -6.67 6.58 -32.65
N VAL D 287 -7.33 5.61 -33.29
CA VAL D 287 -8.33 5.88 -34.36
C VAL D 287 -9.67 6.41 -33.85
N ASP D 288 -10.35 7.16 -34.70
CA ASP D 288 -11.68 7.71 -34.42
C ASP D 288 -12.81 6.65 -34.26
N GLU D 289 -12.65 5.39 -34.71
CA GLU D 289 -13.65 4.35 -34.46
C GLU D 289 -13.78 4.08 -32.92
N ILE D 290 -12.71 4.33 -32.15
CA ILE D 290 -12.73 4.24 -30.69
C ILE D 290 -12.71 5.63 -30.02
N ARG D 291 -12.17 6.65 -30.73
CA ARG D 291 -12.08 8.02 -30.22
C ARG D 291 -13.36 8.82 -30.38
N GLU D 292 -14.17 8.53 -31.39
CA GLU D 292 -15.39 9.24 -31.67
C GLU D 292 -16.63 8.37 -31.62
N ARG D 293 -16.53 7.09 -32.04
CA ARG D 293 -17.71 6.25 -32.19
C ARG D 293 -17.71 4.96 -31.36
N LEU D 294 -17.08 4.98 -30.18
CA LEU D 294 -17.09 3.79 -29.31
C LEU D 294 -18.51 3.46 -28.80
N PHE D 295 -19.03 2.29 -29.14
CA PHE D 295 -20.34 1.79 -28.64
C PHE D 295 -21.53 2.65 -29.05
N GLU D 296 -21.41 3.38 -30.18
CA GLU D 296 -22.46 4.29 -30.61
C GLU D 296 -23.81 3.62 -30.95
N GLN D 297 -23.84 2.35 -31.38
CA GLN D 297 -25.12 1.66 -31.65
C GLN D 297 -25.91 1.29 -30.38
N VAL D 298 -25.21 1.11 -29.27
CA VAL D 298 -25.87 0.65 -28.03
C VAL D 298 -26.02 1.74 -26.96
N MET D 299 -25.73 2.99 -27.32
CA MET D 299 -25.69 4.09 -26.37
C MET D 299 -26.23 5.36 -27.01
N ARG D 300 -26.63 6.34 -26.17
CA ARG D 300 -27.16 7.61 -26.67
C ARG D 300 -26.12 8.41 -27.44
N ILE D 301 -24.85 8.26 -27.09
CA ILE D 301 -23.77 8.98 -27.72
C ILE D 301 -22.52 8.07 -27.86
N GLY D 302 -21.73 8.30 -28.91
CA GLY D 302 -20.49 7.60 -29.12
C GLY D 302 -19.47 8.03 -28.09
N LEU D 303 -18.72 7.08 -27.54
CA LEU D 303 -17.73 7.38 -26.51
C LEU D 303 -16.34 7.67 -27.10
N ASP D 304 -15.44 8.16 -26.27
CA ASP D 304 -14.04 8.47 -26.61
C ASP D 304 -13.21 7.60 -25.68
N LEU D 305 -12.70 6.46 -26.17
CA LEU D 305 -11.92 5.52 -25.37
C LEU D 305 -10.63 6.14 -24.81
N PRO D 306 -9.80 6.83 -25.62
CA PRO D 306 -8.61 7.51 -25.06
C PRO D 306 -8.97 8.50 -23.95
N ALA D 307 -10.07 9.27 -24.10
CA ALA D 307 -10.49 10.23 -23.06
C ALA D 307 -11.03 9.51 -21.82
N LEU D 308 -11.72 8.36 -21.99
CA LEU D 308 -12.20 7.56 -20.85
C LEU D 308 -11.00 7.06 -20.04
N ASN D 309 -9.92 6.66 -20.70
CA ASN D 309 -8.71 6.17 -20.03
C ASN D 309 -8.12 7.21 -19.09
N MET D 310 -8.12 8.49 -19.52
CA MET D 310 -7.61 9.62 -18.76
C MET D 310 -8.55 9.99 -17.62
N GLN D 311 -9.86 9.98 -17.85
CA GLN D 311 -10.85 10.23 -16.80
C GLN D 311 -10.78 9.09 -15.74
N ARG D 312 -10.58 7.85 -16.17
CA ARG D 312 -10.45 6.68 -15.29
C ARG D 312 -9.19 6.76 -14.41
N SER D 313 -8.06 7.26 -14.96
CA SER D 313 -6.84 7.44 -14.14
C SER D 313 -7.06 8.50 -13.07
N ARG D 314 -7.86 9.55 -13.35
CA ARG D 314 -8.16 10.57 -12.35
C ARG D 314 -9.13 10.01 -11.32
N ASP D 315 -10.19 9.31 -11.76
CA ASP D 315 -11.15 8.61 -10.90
C ASP D 315 -10.39 7.67 -9.89
N HIS D 316 -9.34 6.96 -10.38
CA HIS D 316 -8.49 6.03 -9.62
C HIS D 316 -7.37 6.72 -8.83
N GLY D 317 -7.33 8.06 -8.85
CA GLY D 317 -6.34 8.86 -8.15
C GLY D 317 -4.91 8.57 -8.56
N LEU D 318 -4.68 8.21 -9.81
CA LEU D 318 -3.32 7.89 -10.24
C LEU D 318 -2.43 9.12 -10.35
N PRO D 319 -1.20 9.04 -9.82
CA PRO D 319 -0.25 10.13 -10.01
C PRO D 319 0.06 10.38 -11.48
N GLY D 320 0.61 11.55 -11.77
CA GLY D 320 0.94 11.92 -13.13
C GLY D 320 2.20 11.27 -13.64
N TYR D 321 2.51 11.62 -14.89
CA TYR D 321 3.64 11.18 -15.67
C TYR D 321 5.01 11.25 -14.95
N ASN D 322 5.42 12.40 -14.39
CA ASN D 322 6.73 12.50 -13.72
C ASN D 322 6.86 11.61 -12.49
N ALA D 323 5.78 11.44 -11.70
CA ALA D 323 5.79 10.57 -10.51
C ALA D 323 6.01 9.09 -10.91
N TRP D 324 5.44 8.68 -12.06
CA TRP D 324 5.62 7.32 -12.54
C TRP D 324 6.99 7.14 -13.18
N ARG D 325 7.52 8.19 -13.86
CA ARG D 325 8.87 8.16 -14.40
C ARG D 325 9.86 7.99 -13.24
N ARG D 326 9.65 8.73 -12.14
CA ARG D 326 10.46 8.67 -10.93
C ARG D 326 10.40 7.28 -10.26
N PHE D 327 9.20 6.72 -10.17
CA PHE D 327 9.00 5.38 -9.59
C PHE D 327 9.84 4.33 -10.35
N CYS D 328 9.89 4.47 -11.68
CA CYS D 328 10.63 3.64 -12.63
C CYS D 328 12.13 3.92 -12.71
N GLY D 329 12.61 4.96 -12.06
CA GLY D 329 14.03 5.32 -12.10
C GLY D 329 14.44 6.00 -13.41
N LEU D 330 13.49 6.68 -14.05
CA LEU D 330 13.68 7.39 -15.33
C LEU D 330 13.64 8.90 -15.11
N PRO D 331 14.40 9.68 -15.92
CA PRO D 331 14.43 11.14 -15.73
C PRO D 331 13.07 11.81 -15.85
N GLN D 332 12.87 12.89 -15.09
CA GLN D 332 11.61 13.59 -15.05
C GLN D 332 11.73 14.99 -15.65
N PRO D 333 11.27 15.14 -16.90
CA PRO D 333 11.36 16.47 -17.55
C PRO D 333 10.43 17.52 -16.94
N GLU D 334 10.91 18.76 -16.75
CA GLU D 334 10.13 19.84 -16.15
C GLU D 334 9.75 20.92 -17.18
N THR D 335 10.61 21.15 -18.16
CA THR D 335 10.38 22.16 -19.19
C THR D 335 9.95 21.54 -20.54
N VAL D 336 9.45 22.38 -21.48
CA VAL D 336 9.07 21.93 -22.82
C VAL D 336 10.29 21.33 -23.58
N GLY D 337 11.46 21.96 -23.42
CA GLY D 337 12.71 21.50 -24.03
C GLY D 337 13.15 20.14 -23.49
N GLN D 338 13.02 19.95 -22.16
CA GLN D 338 13.39 18.67 -21.53
C GLN D 338 12.46 17.58 -22.00
N LEU D 339 11.14 17.87 -22.04
CA LEU D 339 10.14 16.91 -22.48
C LEU D 339 10.33 16.56 -23.97
N GLY D 340 10.79 17.54 -24.76
CA GLY D 340 11.11 17.38 -26.18
C GLY D 340 12.22 16.37 -26.38
N THR D 341 13.23 16.37 -25.51
CA THR D 341 14.35 15.44 -25.52
C THR D 341 13.86 14.01 -25.15
N VAL D 342 13.03 13.90 -24.12
CA VAL D 342 12.51 12.60 -23.69
C VAL D 342 11.62 11.98 -24.79
N LEU D 343 10.84 12.81 -25.49
CA LEU D 343 9.95 12.32 -26.52
C LEU D 343 10.55 12.31 -27.93
N ARG D 344 11.77 12.87 -28.12
CA ARG D 344 12.41 13.08 -29.43
C ARG D 344 11.45 13.85 -30.36
N ASN D 345 10.70 14.80 -29.80
CA ASN D 345 9.63 15.49 -30.51
C ASN D 345 9.24 16.74 -29.73
N LEU D 346 9.82 17.88 -30.09
CA LEU D 346 9.51 19.14 -29.43
C LEU D 346 8.08 19.58 -29.72
N LYS D 347 7.54 19.26 -30.92
CA LYS D 347 6.17 19.61 -31.30
C LYS D 347 5.13 18.90 -30.42
N LEU D 348 5.29 17.60 -30.20
CA LEU D 348 4.39 16.85 -29.31
C LEU D 348 4.54 17.36 -27.87
N ALA D 349 5.77 17.64 -27.45
CA ALA D 349 6.03 18.17 -26.10
C ALA D 349 5.36 19.54 -25.91
N ARG D 350 5.39 20.40 -26.94
CA ARG D 350 4.73 21.72 -26.92
C ARG D 350 3.23 21.56 -26.72
N LYS D 351 2.60 20.60 -27.43
CA LYS D 351 1.16 20.34 -27.35
C LYS D 351 0.77 19.72 -26.02
N LEU D 352 1.62 18.84 -25.49
CA LEU D 352 1.39 18.24 -24.17
C LEU D 352 1.51 19.32 -23.09
N MET D 353 2.45 20.26 -23.26
CA MET D 353 2.62 21.36 -22.33
C MET D 353 1.46 22.33 -22.42
N GLU D 354 0.92 22.58 -23.62
CA GLU D 354 -0.22 23.48 -23.85
C GLU D 354 -1.47 22.95 -23.13
N GLN D 355 -1.66 21.63 -23.10
CA GLN D 355 -2.79 21.01 -22.39
C GLN D 355 -2.58 20.95 -20.88
N TYR D 356 -1.43 20.45 -20.43
CA TYR D 356 -1.18 20.16 -19.03
C TYR D 356 -0.43 21.18 -18.19
N GLY D 357 0.31 22.07 -18.81
CA GLY D 357 1.08 23.08 -18.09
C GLY D 357 2.40 22.58 -17.54
N THR D 358 2.41 21.34 -17.04
CA THR D 358 3.60 20.73 -16.46
C THR D 358 3.61 19.25 -16.81
N PRO D 359 4.78 18.65 -17.09
CA PRO D 359 4.82 17.19 -17.31
C PRO D 359 4.43 16.39 -16.06
N ASN D 360 4.32 17.04 -14.88
CA ASN D 360 3.87 16.39 -13.65
C ASN D 360 2.41 15.99 -13.72
N ASN D 361 1.60 16.70 -14.54
CA ASN D 361 0.17 16.46 -14.65
C ASN D 361 -0.25 15.62 -15.83
N ILE D 362 0.67 15.23 -16.73
CA ILE D 362 0.30 14.41 -17.89
C ILE D 362 -0.28 13.07 -17.40
N ASP D 363 -1.48 12.69 -17.86
CA ASP D 363 -2.11 11.45 -17.39
C ASP D 363 -1.25 10.26 -17.79
N ILE D 364 -1.12 9.26 -16.91
CA ILE D 364 -0.26 8.10 -17.17
C ILE D 364 -0.44 7.47 -18.58
N TRP D 365 -1.68 7.21 -19.07
CA TRP D 365 -1.89 6.61 -20.40
C TRP D 365 -1.37 7.56 -21.46
N MET D 366 -1.73 8.85 -21.37
CA MET D 366 -1.29 9.83 -22.37
C MET D 366 0.23 9.94 -22.47
N GLY D 367 0.90 10.06 -21.33
CA GLY D 367 2.35 10.18 -21.28
C GLY D 367 3.01 8.89 -21.75
N GLY D 368 2.51 7.76 -21.27
CA GLY D 368 3.02 6.45 -21.65
C GLY D 368 3.00 6.19 -23.14
N VAL D 369 1.87 6.45 -23.79
CA VAL D 369 1.72 6.20 -25.23
C VAL D 369 2.42 7.26 -26.11
N SER D 370 2.83 8.40 -25.54
CA SER D 370 3.52 9.47 -26.31
C SER D 370 5.03 9.20 -26.47
N GLU D 371 5.60 8.40 -25.58
CA GLU D 371 7.02 8.07 -25.62
C GLU D 371 7.39 7.25 -26.84
N PRO D 372 8.57 7.53 -27.44
CA PRO D 372 9.01 6.73 -28.59
C PRO D 372 9.18 5.25 -28.17
N LEU D 373 8.91 4.35 -29.08
CA LEU D 373 8.94 2.91 -28.80
C LEU D 373 10.32 2.35 -28.51
N LYS D 374 10.39 1.37 -27.63
CA LYS D 374 11.63 0.66 -27.33
C LYS D 374 12.00 -0.17 -28.57
N ARG D 375 13.29 -0.46 -28.73
CA ARG D 375 13.77 -1.26 -29.86
C ARG D 375 13.13 -2.65 -29.87
N LYS D 376 12.50 -3.03 -31.01
CA LYS D 376 11.79 -4.30 -31.23
C LYS D 376 10.62 -4.55 -30.24
N GLY D 377 10.15 -3.45 -29.64
CA GLY D 377 9.04 -3.38 -28.70
C GLY D 377 8.01 -2.35 -29.15
N ARG D 378 6.81 -2.41 -28.58
CA ARG D 378 5.73 -1.51 -28.97
C ARG D 378 5.25 -0.58 -27.83
N VAL D 379 6.10 -0.38 -26.83
CA VAL D 379 5.87 0.55 -25.73
C VAL D 379 7.17 1.32 -25.52
N GLY D 380 7.07 2.50 -24.90
CA GLY D 380 8.25 3.27 -24.54
C GLY D 380 8.81 2.75 -23.22
N PRO D 381 9.82 3.44 -22.66
CA PRO D 381 10.43 2.95 -21.41
C PRO D 381 9.54 3.01 -20.14
N LEU D 382 8.67 4.00 -20.00
CA LEU D 382 7.82 4.11 -18.82
C LEU D 382 6.78 2.95 -18.76
N LEU D 383 6.11 2.68 -19.89
CA LEU D 383 5.13 1.60 -19.97
C LEU D 383 5.82 0.25 -19.89
N ALA D 384 7.02 0.12 -20.48
CA ALA D 384 7.78 -1.14 -20.38
C ALA D 384 8.07 -1.48 -18.92
N CYS D 385 8.36 -0.46 -18.11
CA CYS D 385 8.60 -0.67 -16.70
C CYS D 385 7.37 -1.12 -15.94
N ILE D 386 6.25 -0.40 -16.08
CA ILE D 386 5.02 -0.76 -15.38
C ILE D 386 4.54 -2.18 -15.80
N ILE D 387 4.56 -2.46 -17.12
CA ILE D 387 4.10 -3.73 -17.66
C ILE D 387 5.02 -4.88 -17.28
N GLY D 388 6.33 -4.71 -17.40
CA GLY D 388 7.31 -5.71 -17.04
C GLY D 388 7.31 -6.06 -15.57
N THR D 389 7.14 -5.04 -14.71
CA THR D 389 7.09 -5.22 -13.25
C THR D 389 5.84 -6.03 -12.89
N GLN D 390 4.70 -5.71 -13.52
CA GLN D 390 3.48 -6.43 -13.27
C GLN D 390 3.61 -7.90 -13.68
N PHE D 391 4.06 -8.17 -14.92
CA PHE D 391 4.13 -9.53 -15.41
C PHE D 391 5.19 -10.36 -14.69
N ARG D 392 6.23 -9.74 -14.11
CA ARG D 392 7.18 -10.51 -13.32
C ARG D 392 6.56 -10.95 -11.98
N LYS D 393 5.73 -10.09 -11.39
CA LYS D 393 5.03 -10.41 -10.15
C LYS D 393 3.98 -11.52 -10.36
N LEU D 394 3.29 -11.52 -11.51
CA LEU D 394 2.33 -12.56 -11.84
C LEU D 394 2.97 -13.94 -12.06
N ARG D 395 4.21 -13.96 -12.53
CA ARG D 395 4.95 -15.17 -12.78
C ARG D 395 5.62 -15.72 -11.50
N ASP D 396 6.49 -14.90 -10.87
CA ASP D 396 7.26 -15.28 -9.68
C ASP D 396 6.41 -15.46 -8.43
N GLY D 397 5.28 -14.75 -8.38
CA GLY D 397 4.36 -14.86 -7.26
C GLY D 397 3.19 -15.82 -7.50
N ASP D 398 3.30 -16.71 -8.50
CA ASP D 398 2.26 -17.68 -8.80
C ASP D 398 2.73 -19.08 -8.42
N ARG D 399 2.08 -19.71 -7.43
CA ARG D 399 2.44 -21.05 -7.00
C ARG D 399 2.11 -22.09 -8.06
N PHE D 400 1.11 -21.82 -8.92
CA PHE D 400 0.75 -22.74 -9.99
C PHE D 400 1.35 -22.33 -11.33
N TRP D 401 2.46 -21.58 -11.35
CA TRP D 401 3.17 -21.22 -12.59
C TRP D 401 3.59 -22.55 -13.29
N TRP D 402 3.31 -22.70 -14.60
CA TRP D 402 3.55 -23.95 -15.32
C TRP D 402 4.97 -24.53 -15.19
N GLU D 403 5.99 -23.69 -14.99
CA GLU D 403 7.36 -24.16 -14.80
C GLU D 403 7.75 -24.38 -13.34
N ASN D 404 6.85 -24.10 -12.39
CA ASN D 404 7.17 -24.30 -10.98
C ASN D 404 7.27 -25.80 -10.69
N GLU D 405 8.34 -26.21 -9.98
CA GLU D 405 8.59 -27.63 -9.66
C GLU D 405 7.38 -28.23 -8.94
N GLY D 406 6.88 -29.34 -9.47
CA GLY D 406 5.71 -29.99 -8.89
C GLY D 406 4.42 -29.78 -9.67
N VAL D 407 4.27 -28.63 -10.40
CA VAL D 407 3.04 -28.32 -11.13
C VAL D 407 2.79 -29.32 -12.26
N PHE D 408 3.76 -29.46 -13.18
CA PHE D 408 3.66 -30.48 -14.23
C PHE D 408 4.89 -31.42 -14.10
N SER D 409 4.81 -32.63 -14.65
CA SER D 409 5.98 -33.52 -14.67
C SER D 409 6.97 -32.96 -15.72
N MET D 410 8.24 -33.41 -15.72
CA MET D 410 9.23 -32.93 -16.69
C MET D 410 8.76 -33.22 -18.12
N GLN D 411 8.15 -34.40 -18.32
CA GLN D 411 7.61 -34.87 -19.60
C GLN D 411 6.42 -34.01 -20.02
N GLN D 412 5.54 -33.61 -19.06
CA GLN D 412 4.41 -32.72 -19.37
C GLN D 412 4.91 -31.34 -19.74
N ARG D 413 5.92 -30.83 -19.02
CA ARG D 413 6.50 -29.53 -19.36
C ARG D 413 7.11 -29.56 -20.77
N GLN D 414 7.74 -30.68 -21.15
CA GLN D 414 8.35 -30.80 -22.47
C GLN D 414 7.28 -30.89 -23.57
N ALA D 415 6.13 -31.51 -23.27
CA ALA D 415 5.04 -31.60 -24.25
C ALA D 415 4.34 -30.25 -24.43
N LEU D 416 4.19 -29.50 -23.31
CA LEU D 416 3.59 -28.15 -23.30
C LEU D 416 4.48 -27.13 -24.02
N ALA D 417 5.79 -27.32 -23.98
CA ALA D 417 6.73 -26.43 -24.66
C ALA D 417 6.47 -26.37 -26.19
N GLN D 418 5.84 -27.42 -26.75
CA GLN D 418 5.56 -27.47 -28.18
C GLN D 418 4.22 -26.85 -28.58
N ILE D 419 3.48 -26.24 -27.65
CA ILE D 419 2.20 -25.60 -28.00
C ILE D 419 2.43 -24.26 -28.70
N SER D 420 1.41 -23.79 -29.43
CA SER D 420 1.43 -22.49 -30.10
C SER D 420 0.00 -22.08 -30.43
N LEU D 421 -0.26 -20.76 -30.55
CA LEU D 421 -1.58 -20.29 -30.92
C LEU D 421 -1.98 -20.76 -32.36
N PRO D 422 -1.08 -20.74 -33.38
CA PRO D 422 -1.46 -21.29 -34.70
C PRO D 422 -1.95 -22.76 -34.63
N ARG D 423 -1.37 -23.58 -33.75
CA ARG D 423 -1.79 -24.98 -33.60
C ARG D 423 -3.17 -25.08 -32.95
N ILE D 424 -3.49 -24.18 -32.04
CA ILE D 424 -4.79 -24.14 -31.39
C ILE D 424 -5.87 -23.77 -32.41
N ILE D 425 -5.55 -22.90 -33.35
CA ILE D 425 -6.45 -22.57 -34.44
C ILE D 425 -6.66 -23.82 -35.35
N CYS D 426 -5.59 -24.59 -35.63
CA CYS D 426 -5.68 -25.80 -36.46
C CYS D 426 -6.64 -26.81 -35.87
N ASP D 427 -6.49 -27.06 -34.56
CA ASP D 427 -7.25 -28.07 -33.85
C ASP D 427 -8.72 -27.76 -33.64
N ASN D 428 -9.10 -26.47 -33.60
CA ASN D 428 -10.46 -26.12 -33.22
C ASN D 428 -11.24 -25.31 -34.25
N THR D 429 -10.73 -25.17 -35.46
CA THR D 429 -11.42 -24.41 -36.51
C THR D 429 -11.30 -25.14 -37.86
N GLY D 430 -11.99 -24.63 -38.89
CA GLY D 430 -11.88 -25.17 -40.24
C GLY D 430 -10.71 -24.59 -41.03
N ILE D 431 -9.88 -23.74 -40.38
CA ILE D 431 -8.73 -23.09 -40.99
C ILE D 431 -7.59 -24.11 -41.15
N THR D 432 -7.13 -24.31 -42.37
CA THR D 432 -6.08 -25.29 -42.67
C THR D 432 -4.69 -24.64 -42.89
N THR D 433 -4.63 -23.33 -43.10
CA THR D 433 -3.39 -22.60 -43.29
C THR D 433 -3.32 -21.51 -42.24
N VAL D 434 -2.30 -21.55 -41.38
CA VAL D 434 -2.14 -20.63 -40.27
C VAL D 434 -0.78 -19.92 -40.28
N SER D 435 -0.62 -18.86 -39.48
CA SER D 435 0.61 -18.07 -39.38
C SER D 435 1.79 -18.90 -38.91
N LYS D 436 2.95 -18.61 -39.48
CA LYS D 436 4.24 -19.15 -39.09
C LYS D 436 4.57 -18.44 -37.77
N ASN D 437 5.18 -19.15 -36.83
CA ASN D 437 5.55 -18.53 -35.57
C ASN D 437 6.71 -17.55 -35.80
N ASN D 438 6.73 -16.38 -35.13
CA ASN D 438 5.81 -15.91 -34.08
C ASN D 438 4.53 -15.32 -34.68
N ILE D 439 3.36 -15.86 -34.25
CA ILE D 439 2.04 -15.43 -34.73
C ILE D 439 1.80 -13.92 -34.57
N PHE D 440 2.35 -13.31 -33.50
CA PHE D 440 2.21 -11.89 -33.22
C PHE D 440 3.04 -11.00 -34.17
N MET D 441 4.03 -11.59 -34.87
CA MET D 441 4.84 -10.88 -35.84
C MET D 441 4.32 -11.15 -37.27
N SER D 442 4.14 -12.44 -37.63
CA SER D 442 3.63 -12.90 -38.93
C SER D 442 2.30 -12.21 -39.24
N ASN D 443 2.21 -11.53 -40.40
CA ASN D 443 0.99 -10.81 -40.75
C ASN D 443 0.67 -10.75 -42.26
N SER D 444 1.51 -11.35 -43.12
CA SER D 444 1.29 -11.30 -44.56
C SER D 444 1.07 -12.65 -45.24
N TYR D 445 -0.09 -12.82 -45.88
CA TYR D 445 -0.38 -14.06 -46.60
C TYR D 445 0.05 -13.89 -48.07
N PRO D 446 0.72 -14.88 -48.70
CA PRO D 446 1.07 -16.21 -48.15
C PRO D 446 2.45 -16.31 -47.49
N ARG D 447 3.33 -15.32 -47.71
CA ARG D 447 4.71 -15.22 -47.20
C ARG D 447 4.92 -15.74 -45.77
N ASP D 448 4.08 -15.32 -44.82
CA ASP D 448 4.20 -15.69 -43.41
C ASP D 448 3.26 -16.83 -42.99
N PHE D 449 2.79 -17.67 -43.93
CA PHE D 449 1.84 -18.73 -43.59
C PHE D 449 2.33 -20.11 -43.93
N VAL D 450 1.86 -21.13 -43.19
CA VAL D 450 2.18 -22.55 -43.39
C VAL D 450 0.92 -23.43 -43.23
N ASN D 451 0.98 -24.70 -43.65
CA ASN D 451 -0.15 -25.62 -43.51
C ASN D 451 -0.16 -26.28 -42.15
N CYS D 452 -1.35 -26.58 -41.64
CA CYS D 452 -1.55 -27.20 -40.33
C CYS D 452 -0.84 -28.53 -40.18
N SER D 453 -0.69 -29.28 -41.30
CA SER D 453 0.01 -30.55 -41.35
C SER D 453 1.49 -30.46 -40.95
N THR D 454 2.10 -29.26 -41.04
CA THR D 454 3.50 -29.06 -40.69
C THR D 454 3.72 -28.77 -39.20
N LEU D 455 2.67 -28.34 -38.48
CA LEU D 455 2.78 -28.06 -37.06
C LEU D 455 2.33 -29.26 -36.25
N PRO D 456 3.22 -29.84 -35.44
CA PRO D 456 2.81 -30.99 -34.60
C PRO D 456 1.87 -30.58 -33.47
N ALA D 457 0.98 -31.49 -33.09
CA ALA D 457 -0.02 -31.23 -32.07
C ALA D 457 0.50 -31.58 -30.66
N LEU D 458 -0.19 -31.06 -29.60
CA LEU D 458 0.16 -31.35 -28.23
C LEU D 458 0.00 -32.85 -27.99
N ASN D 459 1.07 -33.51 -27.54
CA ASN D 459 1.05 -34.93 -27.25
C ASN D 459 0.66 -35.13 -25.79
N LEU D 460 -0.55 -35.64 -25.55
CA LEU D 460 -1.02 -35.87 -24.18
C LEU D 460 -0.62 -37.22 -23.57
N ALA D 461 0.29 -37.96 -24.22
CA ALA D 461 0.73 -39.26 -23.71
C ALA D 461 1.23 -39.22 -22.25
N SER D 462 1.94 -38.15 -21.85
CA SER D 462 2.42 -38.05 -20.47
C SER D 462 1.33 -37.79 -19.43
N TRP D 463 0.09 -37.58 -19.86
CA TRP D 463 -1.04 -37.41 -18.96
C TRP D 463 -1.76 -38.77 -18.68
N ARG D 464 -1.25 -39.91 -19.21
CA ARG D 464 -1.88 -41.21 -18.99
C ARG D 464 -1.52 -41.74 -17.62
N GLU D 465 -2.55 -41.93 -16.78
CA GLU D 465 -2.41 -42.42 -15.43
C GLU D 465 -2.40 -43.96 -15.38
#